data_8FY8
#
_entry.id   8FY8
#
_cell.length_a   1.00
_cell.length_b   1.00
_cell.length_c   1.00
_cell.angle_alpha   90.00
_cell.angle_beta   90.00
_cell.angle_gamma   90.00
#
_symmetry.space_group_name_H-M   'P 1'
#
loop_
_entity.id
_entity.type
_entity.pdbx_description
1 polymer 'Guanine nucleotide-binding protein G(i) subunit alpha-1'
2 polymer 'Guanine nucleotide-binding protein G(I)/G(S)/G(T) subunit beta-1'
3 polymer 'Guanine nucleotide-binding protein G(I)/G(S)/G(O) subunit gamma-2'
4 polymer 'Soluble cytochrome b562,5-hydroxytryptamine receptor 1A,5-hydroxytryptamine receptor 1A'
5 non-polymer 2-(5-methoxy-1H-indol-3-yl)-N,N-dimethylethan-1-amine
6 non-polymer '[(2R)-1-[oxidanyl-[(2R,3R,5S,6R)-2,3,5,6-tetrakis(oxidanyl)-4-phosphonooxy-cyclohexyl]oxy-phosphoryl]oxy-3-tetradecanoyloxy-propan-2-yl] (5E,8E)-hexadeca-5,8,11,14-tetraenoate'
7 non-polymer 'CHOLESTEROL HEMISUCCINATE'
#
loop_
_entity_poly.entity_id
_entity_poly.type
_entity_poly.pdbx_seq_one_letter_code
_entity_poly.pdbx_strand_id
1 'polypeptide(L)'
;MGCTLSAEDKAAVERSKMIDRNLREDGEKAAREVKLLLLGAGESGKNTIVKQMKIIHEAGYSEEECKQYKAVVYSNTIQS
IIAIIRAMGRLKIDFGDSARADDARQLFVLAGAAEEGFMTAELAGVIKRLWKDSGVQACFNRSREYQLNDSAAYYLNDLD
RIAQPNYIPTQQDVLRTRVKTTGIVETHFTFKDLHFKMFDVGAQRSERKKWIHCFEGVTAIIFCVALSDYDLVLAEDEEM
NRMHASMKLFDSICNNKWFTDTSIILFLNKKDLFEEKIKKSPLTICYPEYAGSNTYEEAAAYIQCQFEDLNKRKDTKEIY
THFTCSTDTKNVQFVFDAVTDVIIKNNLKDCGLF
;
A
2 'polypeptide(L)'
;MHHHHHHLEVLFQGPGSSGSELDQLRQEAEQLKNQIRDARKACADATLSQITNNIDPVGRIQMRTRRTLRGHLAKIYAMH
WGTDSRLLVSASQDGKLIIWDSYTTNKVHAIPLRSSWVMTCAYAPSGNYVACGGLDNICSIYNLKTREGNVRVSRELAGH
TGYLSCCRFLDDNQIVTSSGDTTCALWDIETGQQTTTFTGHTGDVMSLSLAPDTRLFVSGACDASAKLWDVREGMCRQTF
TGHESDINAICFFPNGNAFATGSDDATCRLFDLRADQELMTYSHDNIICGITSVSFSKSGRLLLAGYDDFNCNVWDALKA
DRAGVLAGHDNRVSCLGVTDDGMAVATGSWDSFLKIWN
;
B
3 'polypeptide(L)' MASNNTASIAQARKLVEQLKMEANIDRIKVSKAAADLMAYCEAHAKEDPLLTPVPASENPFREKKFFCAILGSAGSAGSA G
4 'polypeptide(L)'
;MKTIIALSYIFCLVFADYKDDDDAKLQTMHHHHHHHHHHENLYFQGGTTADLEDNWETLNDNLKVIEKADNAAQVKDALT
KMRAAALDAQKATPPKLEDKSPDSPEMKDFRHGFDILVGQIDDALKLANEGKVKEAQAAAEQLKTTRNAYIQKYLTGISD
VTVSYQVITSLLLGTLIFCAVLGNACVVAAIALERSLQNVANYLIGSLAVTDLMVSVLVLPMAALYQVLNKWTLGQVTCD
LFIALDVLCCTSSIWHLCAIALDRYWAITDPIDYVNKRTPRRAAALISLTWLIGFLISIPPMLGWRTPEDRSDPDACTIS
KDHGYTIYSTFGAFYIPLLLMLVLYGRIFRAARFRIRKTVKKVEKTGADTRHGASPAPQPKKSVNGESGSRNWRLGVESK
AGGALCANGAVRQGDDGAALEVIEVHRVGNSKEHLPLPSEAGPTPCAPASFERKNERNAEAKRKMALARERKTVKTLGII
MGTFILCWLPFFIVALVLPFCESSCHMPTLLGAIINWLGYSNSLLNPVIYAYFNKDFQNAFKKIIKCKFCRQ
;
R
#
loop_
_chem_comp.id
_chem_comp.type
_chem_comp.name
_chem_comp.formula
J40 non-polymer '[(2R)-1-[oxidanyl-[(2R,3R,5S,6R)-2,3,5,6-tetrakis(oxidanyl)-4-phosphonooxy-cyclohexyl]oxy-phosphoryl]oxy-3-tetradecanoyloxy-propan-2-yl] (5E,8E)-hexadeca-5,8,11,14-tetraenoate' 'C39 H68 O16 P2'
Y01 non-polymer 'CHOLESTEROL HEMISUCCINATE' 'C31 H50 O4'
YFW non-polymer 2-(5-methoxy-1H-indol-3-yl)-N,N-dimethylethan-1-amine 'C13 H18 N2 O'
#
# COMPACT_ATOMS: atom_id res chain seq x y z
N THR A 4 30.33 -16.54 4.81
CA THR A 4 30.76 -15.26 5.36
C THR A 4 31.66 -14.51 4.38
N LEU A 5 32.94 -14.85 4.39
CA LEU A 5 33.94 -14.22 3.54
C LEU A 5 34.30 -15.08 2.33
N SER A 6 33.58 -16.18 2.10
CA SER A 6 33.90 -17.06 0.99
C SER A 6 33.65 -16.36 -0.35
N ALA A 7 34.35 -16.82 -1.38
CA ALA A 7 34.23 -16.20 -2.69
C ALA A 7 32.82 -16.31 -3.25
N GLU A 8 32.19 -17.48 -3.09
CA GLU A 8 30.83 -17.65 -3.56
C GLU A 8 29.86 -16.73 -2.84
N ASP A 9 30.01 -16.60 -1.52
CA ASP A 9 29.13 -15.70 -0.77
C ASP A 9 29.38 -14.24 -1.13
N LYS A 10 30.64 -13.86 -1.36
CA LYS A 10 30.93 -12.50 -1.80
C LYS A 10 30.29 -12.22 -3.16
N ALA A 11 30.39 -13.17 -4.09
CA ALA A 11 29.77 -12.98 -5.40
C ALA A 11 28.25 -12.89 -5.26
N ALA A 12 27.66 -13.72 -4.40
CA ALA A 12 26.21 -13.69 -4.21
C ALA A 12 25.77 -12.36 -3.63
N VAL A 13 26.50 -11.84 -2.64
CA VAL A 13 26.15 -10.55 -2.04
C VAL A 13 26.31 -9.42 -3.05
N GLU A 14 27.36 -9.50 -3.88
CA GLU A 14 27.54 -8.47 -4.90
C GLU A 14 26.41 -8.51 -5.92
N ARG A 15 25.98 -9.71 -6.32
CA ARG A 15 24.85 -9.83 -7.23
C ARG A 15 23.58 -9.28 -6.60
N SER A 16 23.35 -9.58 -5.32
CA SER A 16 22.18 -9.04 -4.62
C SER A 16 22.22 -7.52 -4.57
N LYS A 17 23.40 -6.95 -4.30
CA LYS A 17 23.52 -5.49 -4.24
C LYS A 17 23.26 -4.85 -5.59
N MET A 18 23.80 -5.43 -6.67
CA MET A 18 23.54 -4.91 -8.00
C MET A 18 22.05 -5.00 -8.35
N ILE A 19 21.43 -6.12 -8.02
CA ILE A 19 20.00 -6.28 -8.30
C ILE A 19 19.19 -5.27 -7.50
N ASP A 20 19.54 -5.05 -6.24
CA ASP A 20 18.81 -4.10 -5.41
C ASP A 20 18.98 -2.67 -5.94
N ARG A 21 20.17 -2.33 -6.45
CA ARG A 21 20.35 -1.04 -7.08
C ARG A 21 19.47 -0.89 -8.31
N ASN A 22 19.39 -1.94 -9.14
CA ASN A 22 18.51 -1.88 -10.30
C ASN A 22 17.05 -1.71 -9.91
N LEU A 23 16.62 -2.43 -8.87
CA LEU A 23 15.26 -2.27 -8.37
C LEU A 23 15.00 -0.86 -7.86
N ARG A 24 15.96 -0.28 -7.15
CA ARG A 24 15.79 1.09 -6.67
C ARG A 24 15.66 2.06 -7.84
N GLU A 25 16.48 1.89 -8.87
CA GLU A 25 16.39 2.74 -10.06
C GLU A 25 15.02 2.59 -10.73
N ASP A 26 14.55 1.35 -10.86
CA ASP A 26 13.26 1.11 -11.52
C ASP A 26 12.11 1.70 -10.70
N GLY A 27 12.18 1.59 -9.38
CA GLY A 27 11.15 2.17 -8.54
C GLY A 27 11.15 3.70 -8.59
N GLU A 28 12.33 4.30 -8.64
CA GLU A 28 12.40 5.75 -8.80
C GLU A 28 11.81 6.17 -10.14
N LYS A 29 12.08 5.40 -11.20
CA LYS A 29 11.50 5.71 -12.51
C LYS A 29 9.99 5.56 -12.48
N ALA A 30 9.48 4.53 -11.79
CA ALA A 30 8.04 4.27 -11.79
C ALA A 30 7.29 5.26 -10.90
N ALA A 31 7.94 5.84 -9.89
CA ALA A 31 7.27 6.80 -9.04
C ALA A 31 7.02 8.14 -9.72
N ARG A 32 7.60 8.37 -10.90
CA ARG A 32 7.43 9.62 -11.63
C ARG A 32 6.28 9.56 -12.62
N GLU A 33 5.54 8.44 -12.65
CA GLU A 33 4.43 8.20 -13.61
C GLU A 33 3.09 8.33 -12.89
N VAL A 34 2.18 9.17 -13.39
CA VAL A 34 0.84 9.33 -12.84
C VAL A 34 -0.03 8.20 -13.39
N LYS A 35 -0.65 7.45 -12.48
CA LYS A 35 -1.44 6.29 -12.86
C LYS A 35 -2.92 6.64 -12.77
N LEU A 36 -3.64 6.41 -13.87
CA LEU A 36 -5.06 6.68 -13.96
C LEU A 36 -5.80 5.39 -14.30
N LEU A 37 -6.96 5.19 -13.67
CA LEU A 37 -7.77 3.97 -13.94
C LEU A 37 -8.97 4.35 -14.81
N LEU A 38 -9.09 3.89 -16.04
CA LEU A 38 -10.22 4.26 -16.90
C LEU A 38 -11.35 3.24 -16.80
N LEU A 39 -12.52 3.62 -16.34
CA LEU A 39 -13.67 2.71 -16.20
C LEU A 39 -14.83 3.16 -17.09
N GLY A 40 -15.94 2.44 -17.16
CA GLY A 40 -17.14 2.76 -17.97
C GLY A 40 -17.93 1.50 -18.32
N ALA A 41 -19.10 1.66 -18.94
CA ALA A 41 -19.97 0.49 -19.23
C ALA A 41 -20.00 0.21 -20.74
N GLY A 42 -19.37 -0.89 -21.17
CA GLY A 42 -19.40 -1.29 -22.59
C GLY A 42 -18.93 -0.19 -23.52
N GLU A 43 -19.76 0.19 -24.49
CA GLU A 43 -19.40 1.25 -25.47
C GLU A 43 -19.80 2.63 -24.90
N SER A 44 -19.28 2.97 -23.72
CA SER A 44 -19.58 4.28 -23.09
C SER A 44 -18.73 5.37 -23.74
N GLY A 45 -17.90 5.00 -24.72
CA GLY A 45 -17.05 5.99 -25.43
C GLY A 45 -15.69 6.13 -24.79
N LYS A 46 -15.24 5.11 -24.05
CA LYS A 46 -13.89 5.16 -23.48
C LYS A 46 -12.83 4.95 -24.57
N ASN A 47 -13.16 4.16 -25.58
CA ASN A 47 -12.25 3.98 -26.71
C ASN A 47 -12.01 5.31 -27.42
N THR A 48 -13.05 6.12 -27.57
CA THR A 48 -12.90 7.45 -28.15
C THR A 48 -11.96 8.31 -27.31
N ILE A 49 -12.08 8.22 -25.98
CA ILE A 49 -11.21 8.99 -25.09
C ILE A 49 -9.75 8.55 -25.26
N VAL A 50 -9.52 7.23 -25.26
CA VAL A 50 -8.16 6.71 -25.43
C VAL A 50 -7.57 7.18 -26.75
N LYS A 51 -8.34 7.05 -27.83
CA LYS A 51 -7.88 7.50 -29.14
C LYS A 51 -7.58 8.99 -29.12
N GLN A 52 -8.42 9.76 -28.43
CA GLN A 52 -8.26 11.21 -28.39
C GLN A 52 -6.95 11.59 -27.72
N MET A 53 -6.53 10.84 -26.69
CA MET A 53 -5.30 11.21 -25.94
C MET A 53 -4.04 10.64 -26.62
N LYS A 54 -4.20 9.73 -27.58
CA LYS A 54 -3.00 9.10 -28.20
C LYS A 54 -2.84 9.57 -29.66
N ILE A 55 -3.44 10.72 -30.01
CA ILE A 55 -3.29 11.28 -31.38
C ILE A 55 -1.84 11.74 -31.59
N ILE A 56 -1.28 12.46 -30.62
CA ILE A 56 0.10 13.04 -30.80
C ILE A 56 1.12 12.31 -29.91
N HIS A 57 0.83 12.17 -28.61
CA HIS A 57 1.83 11.57 -27.68
C HIS A 57 1.47 10.11 -27.39
N GLU A 58 2.39 9.18 -27.68
CA GLU A 58 2.13 7.73 -27.47
C GLU A 58 3.38 7.05 -26.89
N ALA A 59 3.20 6.12 -25.95
CA ALA A 59 4.31 5.34 -25.39
C ALA A 59 5.40 6.24 -24.84
N GLY A 60 5.00 7.30 -24.15
CA GLY A 60 5.93 8.25 -23.60
C GLY A 60 6.25 9.40 -24.53
N THR A 177 8.25 -12.38 -29.66
CA THR A 177 6.88 -12.31 -30.17
C THR A 177 5.89 -12.17 -29.02
N ARG A 178 5.52 -10.92 -28.71
CA ARG A 178 4.55 -10.67 -27.65
C ARG A 178 3.17 -11.18 -28.05
N VAL A 179 2.36 -11.53 -27.06
CA VAL A 179 1.03 -12.05 -27.27
C VAL A 179 0.01 -11.04 -26.77
N LYS A 180 -0.98 -10.73 -27.60
CA LYS A 180 -2.06 -9.85 -27.18
C LYS A 180 -2.79 -10.46 -25.98
N THR A 181 -3.10 -9.61 -25.00
CA THR A 181 -3.60 -10.13 -23.73
C THR A 181 -5.12 -10.08 -23.62
N THR A 182 -5.76 -9.01 -24.10
CA THR A 182 -7.19 -8.77 -24.03
C THR A 182 -7.68 -8.64 -22.60
N GLY A 183 -6.80 -8.73 -21.60
CA GLY A 183 -7.20 -8.61 -20.22
C GLY A 183 -7.19 -7.20 -19.69
N ILE A 184 -6.05 -6.52 -19.81
CA ILE A 184 -5.92 -5.13 -19.40
C ILE A 184 -5.13 -4.40 -20.48
N VAL A 185 -5.46 -3.13 -20.69
CA VAL A 185 -4.86 -2.34 -21.76
C VAL A 185 -4.03 -1.24 -21.14
N GLU A 186 -2.83 -1.04 -21.68
CA GLU A 186 -1.89 -0.03 -21.22
C GLU A 186 -1.89 1.15 -22.18
N THR A 187 -2.03 2.35 -21.63
CA THR A 187 -1.96 3.59 -22.42
C THR A 187 -1.00 4.53 -21.73
N HIS A 188 0.18 4.71 -22.32
CA HIS A 188 1.24 5.53 -21.76
C HIS A 188 1.38 6.77 -22.62
N PHE A 189 0.98 7.93 -22.09
CA PHE A 189 1.06 9.19 -22.82
C PHE A 189 1.63 10.27 -21.92
N THR A 190 2.40 11.18 -22.51
CA THR A 190 3.05 12.27 -21.80
C THR A 190 2.46 13.59 -22.26
N PHE A 191 2.06 14.43 -21.30
CA PHE A 191 1.45 15.72 -21.58
C PHE A 191 2.02 16.76 -20.61
N LYS A 192 2.71 17.77 -21.15
CA LYS A 192 3.28 18.85 -20.36
C LYS A 192 4.19 18.32 -19.25
N ASP A 193 5.22 17.59 -19.67
CA ASP A 193 6.28 17.08 -18.80
C ASP A 193 5.76 16.16 -17.70
N LEU A 194 4.55 15.62 -17.84
CA LEU A 194 3.97 14.71 -16.86
C LEU A 194 3.70 13.38 -17.54
N HIS A 195 4.16 12.30 -16.92
CA HIS A 195 3.98 10.96 -17.45
C HIS A 195 2.69 10.38 -16.92
N PHE A 196 1.81 9.96 -17.82
CA PHE A 196 0.52 9.38 -17.47
C PHE A 196 0.47 7.94 -17.93
N LYS A 197 -0.17 7.05 -17.14
CA LYS A 197 -0.33 5.60 -17.45
C LYS A 197 -1.80 5.21 -17.21
N MET A 198 -2.62 5.06 -18.25
CA MET A 198 -4.09 4.84 -18.17
C MET A 198 -4.37 3.35 -18.29
N PHE A 199 -5.02 2.75 -17.28
CA PHE A 199 -5.29 1.33 -17.21
C PHE A 199 -6.76 1.09 -17.52
N ASP A 200 -7.04 0.50 -18.67
CA ASP A 200 -8.42 0.25 -19.11
C ASP A 200 -8.75 -1.19 -18.75
N VAL A 201 -9.80 -1.37 -17.96
CA VAL A 201 -10.20 -2.70 -17.50
C VAL A 201 -11.60 -3.01 -18.01
N GLY A 202 -11.95 -2.44 -19.17
CA GLY A 202 -13.26 -2.69 -19.73
C GLY A 202 -13.45 -4.10 -20.27
N ALA A 203 -12.36 -4.77 -20.62
CA ALA A 203 -12.41 -6.13 -21.15
C ALA A 203 -12.31 -7.18 -20.06
N GLN A 204 -12.24 -6.77 -18.79
CA GLN A 204 -12.13 -7.70 -17.67
C GLN A 204 -13.54 -8.05 -17.20
N ARG A 205 -14.15 -9.00 -17.91
CA ARG A 205 -15.53 -9.43 -17.63
C ARG A 205 -15.50 -10.48 -16.52
N SER A 206 -15.44 -10.00 -15.28
CA SER A 206 -15.43 -10.85 -14.10
C SER A 206 -15.87 -10.01 -12.90
N GLU A 207 -15.73 -10.56 -11.71
CA GLU A 207 -16.09 -9.83 -10.50
C GLU A 207 -15.10 -8.68 -10.29
N ARG A 208 -15.63 -7.47 -10.20
CA ARG A 208 -14.77 -6.30 -10.04
C ARG A 208 -14.11 -6.25 -8.68
N LYS A 209 -14.83 -6.66 -7.63
CA LYS A 209 -14.32 -6.51 -6.26
C LYS A 209 -13.15 -7.44 -5.98
N LYS A 210 -12.89 -8.42 -6.85
CA LYS A 210 -11.77 -9.33 -6.63
C LYS A 210 -10.45 -8.79 -7.18
N TRP A 211 -10.48 -7.72 -7.95
CA TRP A 211 -9.25 -7.09 -8.43
C TRP A 211 -9.28 -5.58 -8.40
N ILE A 212 -10.34 -4.95 -7.89
CA ILE A 212 -10.40 -3.50 -7.88
C ILE A 212 -9.41 -2.92 -6.88
N HIS A 213 -9.00 -3.72 -5.89
CA HIS A 213 -8.03 -3.25 -4.92
C HIS A 213 -6.62 -3.18 -5.50
N CYS A 214 -6.38 -3.86 -6.64
CA CYS A 214 -5.09 -3.75 -7.30
C CYS A 214 -4.82 -2.34 -7.79
N PHE A 215 -5.86 -1.54 -7.98
CA PHE A 215 -5.73 -0.16 -8.43
C PHE A 215 -5.85 0.84 -7.30
N GLU A 216 -5.81 0.39 -6.05
CA GLU A 216 -5.74 1.31 -4.93
C GLU A 216 -4.47 2.14 -5.03
N GLY A 217 -4.60 3.45 -4.83
CA GLY A 217 -3.47 4.34 -4.90
C GLY A 217 -3.23 5.00 -6.23
N VAL A 218 -4.09 4.78 -7.23
CA VAL A 218 -4.00 5.54 -8.47
C VAL A 218 -4.32 7.00 -8.18
N THR A 219 -3.73 7.90 -8.97
CA THR A 219 -3.91 9.33 -8.73
C THR A 219 -5.37 9.73 -8.91
N ALA A 220 -6.01 9.27 -9.99
CA ALA A 220 -7.39 9.62 -10.25
C ALA A 220 -8.02 8.51 -11.09
N ILE A 221 -9.36 8.50 -11.08
CA ILE A 221 -10.15 7.56 -11.87
C ILE A 221 -10.84 8.34 -12.97
N ILE A 222 -10.54 8.01 -14.22
CA ILE A 222 -11.25 8.60 -15.39
C ILE A 222 -12.47 7.70 -15.60
N PHE A 223 -13.70 8.18 -15.41
CA PHE A 223 -14.92 7.42 -15.58
C PHE A 223 -15.70 8.02 -16.74
N CYS A 224 -15.98 7.21 -17.75
CA CYS A 224 -16.59 7.69 -18.99
C CYS A 224 -17.99 7.11 -19.12
N VAL A 225 -18.98 8.00 -19.31
CA VAL A 225 -20.35 7.59 -19.59
C VAL A 225 -20.85 8.34 -20.81
N ALA A 226 -21.56 7.63 -21.68
CA ALA A 226 -22.13 8.25 -22.86
C ALA A 226 -23.45 8.92 -22.48
N LEU A 227 -23.59 10.19 -22.86
CA LEU A 227 -24.84 10.91 -22.63
C LEU A 227 -25.96 10.40 -23.51
N SER A 228 -25.64 9.79 -24.64
CA SER A 228 -26.62 9.42 -25.65
C SER A 228 -27.29 8.07 -25.39
N ASP A 229 -26.92 7.36 -24.33
CA ASP A 229 -27.49 6.05 -24.06
C ASP A 229 -28.62 6.09 -23.05
N TYR A 230 -29.13 7.28 -22.72
CA TYR A 230 -30.31 7.36 -21.85
C TYR A 230 -31.53 6.73 -22.51
N ASP A 231 -31.71 6.97 -23.81
CA ASP A 231 -32.80 6.34 -24.53
C ASP A 231 -32.59 4.83 -24.64
N LEU A 232 -31.34 4.40 -24.83
CA LEU A 232 -31.04 3.00 -25.05
C LEU A 232 -31.17 2.20 -23.75
N VAL A 233 -31.25 0.88 -23.91
CA VAL A 233 -31.33 -0.05 -22.78
C VAL A 233 -30.29 -1.14 -23.00
N LEU A 234 -29.96 -1.84 -21.92
CA LEU A 234 -28.96 -2.90 -22.00
C LEU A 234 -29.48 -4.07 -22.82
N ALA A 235 -28.57 -4.73 -23.52
CA ALA A 235 -28.94 -5.91 -24.30
C ALA A 235 -29.35 -7.09 -23.41
N GLU A 236 -28.91 -7.10 -22.15
CA GLU A 236 -29.26 -8.20 -21.25
C GLU A 236 -30.76 -8.25 -20.99
N ASP A 237 -31.37 -7.09 -20.74
CA ASP A 237 -32.81 -7.02 -20.52
C ASP A 237 -33.30 -5.64 -20.93
N GLU A 238 -34.50 -5.59 -21.49
CA GLU A 238 -35.05 -4.32 -21.96
C GLU A 238 -35.35 -3.38 -20.80
N GLU A 239 -35.76 -3.93 -19.65
CA GLU A 239 -36.15 -3.11 -18.51
C GLU A 239 -34.95 -2.68 -17.68
N MET A 240 -33.94 -2.10 -18.32
CA MET A 240 -32.79 -1.57 -17.60
C MET A 240 -32.11 -0.53 -18.48
N ASN A 241 -32.22 0.73 -18.11
CA ASN A 241 -31.60 1.80 -18.88
C ASN A 241 -30.08 1.71 -18.79
N ARG A 242 -29.42 2.04 -19.90
CA ARG A 242 -27.96 2.06 -19.89
C ARG A 242 -27.41 3.16 -18.99
N MET A 243 -28.06 4.32 -18.96
CA MET A 243 -27.68 5.37 -18.03
C MET A 243 -27.83 4.94 -16.58
N HIS A 244 -28.88 4.17 -16.26
CA HIS A 244 -29.01 3.67 -14.90
C HIS A 244 -27.91 2.68 -14.55
N ALA A 245 -27.52 1.83 -15.51
CA ALA A 245 -26.39 0.93 -15.27
C ALA A 245 -25.10 1.71 -15.04
N SER A 246 -24.87 2.75 -15.85
CA SER A 246 -23.69 3.59 -15.64
C SER A 246 -23.73 4.30 -14.30
N MET A 247 -24.90 4.77 -13.89
CA MET A 247 -25.03 5.42 -12.59
C MET A 247 -24.75 4.44 -11.46
N LYS A 248 -25.24 3.21 -11.57
CA LYS A 248 -24.95 2.21 -10.55
C LYS A 248 -23.46 1.89 -10.50
N LEU A 249 -22.82 1.78 -11.66
CA LEU A 249 -21.38 1.54 -11.68
C LEU A 249 -20.62 2.70 -11.04
N PHE A 250 -21.04 3.94 -11.34
CA PHE A 250 -20.39 5.10 -10.75
C PHE A 250 -20.57 5.11 -9.24
N ASP A 251 -21.77 4.80 -8.77
CA ASP A 251 -22.01 4.77 -7.33
C ASP A 251 -21.17 3.69 -6.66
N SER A 252 -21.04 2.53 -7.30
CA SER A 252 -20.25 1.44 -6.73
C SER A 252 -18.77 1.79 -6.69
N ILE A 253 -18.26 2.43 -7.74
CA ILE A 253 -16.81 2.64 -7.83
C ILE A 253 -16.39 3.90 -7.08
N CYS A 254 -17.30 4.86 -6.96
CA CYS A 254 -16.98 6.10 -6.25
C CYS A 254 -16.93 5.90 -4.75
N ASN A 255 -17.65 4.92 -4.22
CA ASN A 255 -17.79 4.72 -2.78
C ASN A 255 -17.11 3.45 -2.29
N ASN A 256 -16.17 2.91 -3.07
CA ASN A 256 -15.38 1.79 -2.60
C ASN A 256 -14.50 2.22 -1.43
N LYS A 257 -14.19 1.26 -0.55
CA LYS A 257 -13.28 1.55 0.55
C LYS A 257 -11.86 1.78 0.06
N TRP A 258 -11.52 1.32 -1.15
CA TRP A 258 -10.20 1.57 -1.70
C TRP A 258 -10.06 2.99 -2.23
N PHE A 259 -11.13 3.58 -2.73
CA PHE A 259 -11.11 4.88 -3.39
C PHE A 259 -11.74 5.96 -2.53
N THR A 260 -11.49 5.92 -1.21
CA THR A 260 -12.04 6.95 -0.33
C THR A 260 -11.49 8.32 -0.65
N ASP A 261 -10.19 8.43 -0.93
CA ASP A 261 -9.54 9.70 -1.19
C ASP A 261 -9.19 9.89 -2.65
N THR A 262 -9.59 8.99 -3.53
CA THR A 262 -9.22 9.06 -4.94
C THR A 262 -10.28 9.86 -5.70
N SER A 263 -9.84 10.97 -6.32
CA SER A 263 -10.74 11.80 -7.09
C SER A 263 -11.10 11.13 -8.41
N ILE A 264 -12.24 11.54 -8.95
CA ILE A 264 -12.79 10.94 -10.17
C ILE A 264 -12.89 12.02 -11.24
N ILE A 265 -12.36 11.72 -12.42
CA ILE A 265 -12.47 12.59 -13.57
C ILE A 265 -13.60 12.05 -14.43
N LEU A 266 -14.76 12.69 -14.36
CA LEU A 266 -15.96 12.21 -15.04
C LEU A 266 -16.03 12.79 -16.44
N PHE A 267 -16.16 11.91 -17.44
CA PHE A 267 -16.28 12.30 -18.83
C PHE A 267 -17.67 11.93 -19.33
N LEU A 268 -18.35 12.89 -19.94
CA LEU A 268 -19.69 12.68 -20.50
C LEU A 268 -19.56 12.75 -22.02
N ASN A 269 -19.39 11.59 -22.64
CA ASN A 269 -19.12 11.51 -24.07
C ASN A 269 -20.40 11.66 -24.88
N LYS A 270 -20.21 11.89 -26.18
CA LYS A 270 -21.31 11.93 -27.15
C LYS A 270 -22.33 13.01 -26.80
N LYS A 271 -21.87 14.27 -26.77
CA LYS A 271 -22.77 15.38 -26.50
C LYS A 271 -23.65 15.69 -27.71
N ASP A 272 -23.10 15.58 -28.91
CA ASP A 272 -23.87 15.89 -30.11
C ASP A 272 -25.01 14.90 -30.33
N LEU A 273 -24.71 13.60 -30.19
CA LEU A 273 -25.76 12.59 -30.34
C LEU A 273 -26.82 12.76 -29.26
N PHE A 274 -26.40 13.12 -28.04
CA PHE A 274 -27.34 13.38 -26.97
C PHE A 274 -28.24 14.56 -27.30
N GLU A 275 -27.67 15.61 -27.87
CA GLU A 275 -28.46 16.78 -28.26
C GLU A 275 -29.50 16.40 -29.31
N GLU A 276 -29.08 15.62 -30.32
CA GLU A 276 -30.02 15.18 -31.34
C GLU A 276 -31.12 14.32 -30.73
N LYS A 277 -30.75 13.41 -29.82
CA LYS A 277 -31.74 12.52 -29.22
C LYS A 277 -32.76 13.28 -28.39
N ILE A 278 -32.30 14.24 -27.60
CA ILE A 278 -33.25 15.01 -26.79
C ILE A 278 -34.08 15.94 -27.66
N LYS A 279 -33.54 16.33 -28.82
CA LYS A 279 -34.37 17.03 -29.79
C LYS A 279 -35.49 16.14 -30.31
N LYS A 280 -35.18 14.85 -30.53
CA LYS A 280 -36.19 13.94 -31.06
C LYS A 280 -36.99 13.25 -29.96
N SER A 281 -36.34 12.87 -28.86
CA SER A 281 -36.96 12.08 -27.82
C SER A 281 -36.81 12.76 -26.47
N PRO A 282 -37.83 12.72 -25.62
CA PRO A 282 -37.73 13.39 -24.32
C PRO A 282 -36.85 12.62 -23.34
N LEU A 283 -36.30 13.37 -22.39
CA LEU A 283 -35.41 12.84 -21.36
C LEU A 283 -36.16 12.24 -20.18
N THR A 284 -37.47 12.46 -20.08
CA THR A 284 -38.22 11.98 -18.93
C THR A 284 -38.25 10.46 -18.85
N ILE A 285 -37.97 9.77 -19.96
CA ILE A 285 -37.97 8.31 -19.95
C ILE A 285 -36.82 7.78 -19.10
N CYS A 286 -35.66 8.44 -19.18
CA CYS A 286 -34.53 8.02 -18.36
C CYS A 286 -34.68 8.48 -16.91
N TYR A 287 -35.20 9.68 -16.69
CA TYR A 287 -35.37 10.26 -15.36
C TYR A 287 -36.82 10.67 -15.19
N PRO A 288 -37.65 9.80 -14.63
CA PRO A 288 -39.08 10.17 -14.47
C PRO A 288 -39.29 11.39 -13.60
N GLU A 289 -38.47 11.59 -12.57
CA GLU A 289 -38.61 12.73 -11.68
C GLU A 289 -38.12 14.03 -12.30
N TYR A 290 -37.46 13.96 -13.46
CA TYR A 290 -36.97 15.17 -14.12
C TYR A 290 -38.13 16.03 -14.61
N ALA A 291 -37.94 17.35 -14.53
CA ALA A 291 -38.96 18.29 -14.99
C ALA A 291 -38.25 19.54 -15.50
N GLY A 292 -38.40 19.80 -16.80
CA GLY A 292 -37.80 20.99 -17.40
C GLY A 292 -37.93 21.01 -18.91
N SER A 293 -37.81 22.19 -19.51
CA SER A 293 -37.86 22.29 -20.96
C SER A 293 -36.65 21.62 -21.57
N ASN A 294 -36.89 20.79 -22.59
CA ASN A 294 -35.86 19.90 -23.13
C ASN A 294 -34.94 20.70 -24.06
N THR A 295 -33.71 20.93 -23.60
CA THR A 295 -32.66 21.49 -24.45
C THR A 295 -31.33 20.96 -23.93
N TYR A 296 -30.29 21.14 -24.74
CA TYR A 296 -29.02 20.47 -24.45
C TYR A 296 -28.42 20.93 -23.13
N GLU A 297 -28.43 22.25 -22.88
CA GLU A 297 -27.70 22.78 -21.74
C GLU A 297 -28.29 22.28 -20.42
N GLU A 298 -29.60 22.45 -20.23
CA GLU A 298 -30.19 22.11 -18.95
C GLU A 298 -30.21 20.60 -18.73
N ALA A 299 -30.43 19.82 -19.79
CA ALA A 299 -30.45 18.37 -19.65
C ALA A 299 -29.06 17.83 -19.33
N ALA A 300 -28.05 18.40 -19.98
CA ALA A 300 -26.63 18.01 -19.76
C ALA A 300 -26.21 18.43 -18.34
N ALA A 301 -26.73 19.56 -17.81
CA ALA A 301 -26.47 19.96 -16.44
C ALA A 301 -27.19 19.05 -15.45
N TYR A 302 -28.42 18.65 -15.77
CA TYR A 302 -29.17 17.76 -14.88
C TYR A 302 -28.49 16.40 -14.77
N ILE A 303 -28.03 15.85 -15.89
CA ILE A 303 -27.34 14.56 -15.84
C ILE A 303 -26.04 14.68 -15.06
N GLN A 304 -25.30 15.77 -15.27
CA GLN A 304 -24.07 15.99 -14.51
C GLN A 304 -24.35 16.08 -13.02
N CYS A 305 -25.42 16.79 -12.63
CA CYS A 305 -25.75 16.92 -11.23
C CYS A 305 -26.21 15.59 -10.63
N GLN A 306 -26.92 14.78 -11.42
CA GLN A 306 -27.31 13.46 -10.95
C GLN A 306 -26.09 12.58 -10.71
N PHE A 307 -25.09 12.68 -11.58
CA PHE A 307 -23.86 11.92 -11.37
C PHE A 307 -23.06 12.48 -10.19
N GLU A 308 -23.10 13.79 -9.98
CA GLU A 308 -22.42 14.40 -8.83
C GLU A 308 -23.04 13.94 -7.52
N ASP A 309 -24.38 13.87 -7.47
CA ASP A 309 -25.06 13.55 -6.22
C ASP A 309 -24.78 12.14 -5.73
N LEU A 310 -24.23 11.28 -6.58
CA LEU A 310 -23.90 9.92 -6.16
C LEU A 310 -22.64 9.86 -5.30
N ASN A 311 -21.91 10.97 -5.18
CA ASN A 311 -20.67 11.01 -4.41
C ASN A 311 -20.99 11.25 -2.94
N LYS A 312 -20.90 10.18 -2.13
CA LYS A 312 -21.15 10.32 -0.70
C LYS A 312 -19.98 10.96 0.03
N ARG A 313 -18.76 10.77 -0.49
CA ARG A 313 -17.50 11.28 0.13
C ARG A 313 -17.22 12.69 -0.39
N LYS A 314 -18.07 13.69 -0.09
CA LYS A 314 -17.92 15.06 -0.65
C LYS A 314 -16.73 15.76 0.05
N ASP A 315 -16.31 15.31 1.23
CA ASP A 315 -15.25 15.98 2.05
C ASP A 315 -13.85 15.48 1.68
N THR A 316 -13.69 14.23 1.22
CA THR A 316 -12.36 13.61 0.94
C THR A 316 -12.06 13.59 -0.57
N LYS A 317 -13.07 13.62 -1.46
CA LYS A 317 -12.84 13.52 -2.88
C LYS A 317 -13.71 14.51 -3.63
N GLU A 318 -13.27 14.84 -4.84
CA GLU A 318 -13.98 15.75 -5.72
C GLU A 318 -14.12 15.10 -7.09
N ILE A 319 -15.13 15.54 -7.84
CA ILE A 319 -15.43 15.00 -9.16
C ILE A 319 -15.23 16.12 -10.19
N TYR A 320 -14.37 15.87 -11.17
CA TYR A 320 -14.07 16.85 -12.21
C TYR A 320 -14.82 16.40 -13.47
N THR A 321 -15.98 17.02 -13.71
CA THR A 321 -16.84 16.62 -14.82
C THR A 321 -16.51 17.45 -16.06
N HIS A 322 -16.28 16.77 -17.17
CA HIS A 322 -16.02 17.42 -18.45
C HIS A 322 -16.89 16.78 -19.53
N PHE A 323 -17.33 17.61 -20.48
CA PHE A 323 -18.14 17.16 -21.65
C PHE A 323 -17.16 16.93 -22.81
N THR A 324 -16.92 15.68 -23.23
CA THR A 324 -15.94 15.36 -24.24
C THR A 324 -16.22 16.12 -25.54
N CYS A 325 -15.18 16.72 -26.10
CA CYS A 325 -15.29 17.54 -27.29
C CYS A 325 -14.29 17.06 -28.34
N SER A 326 -14.59 17.39 -29.60
CA SER A 326 -13.78 16.91 -30.72
C SER A 326 -12.42 17.60 -30.79
N THR A 327 -12.20 18.65 -30.01
CA THR A 327 -10.91 19.33 -30.03
C THR A 327 -9.80 18.38 -29.57
N ASP A 328 -8.64 18.49 -30.22
CA ASP A 328 -7.59 17.49 -30.03
C ASP A 328 -7.02 17.52 -28.62
N THR A 329 -6.87 18.70 -28.04
CA THR A 329 -6.11 18.85 -26.81
C THR A 329 -6.97 19.09 -25.57
N LYS A 330 -8.24 19.48 -25.74
CA LYS A 330 -9.03 19.92 -24.59
C LYS A 330 -9.26 18.80 -23.58
N ASN A 331 -9.50 17.57 -24.06
CA ASN A 331 -9.77 16.47 -23.14
C ASN A 331 -8.53 16.12 -22.31
N VAL A 332 -7.38 15.94 -22.96
CA VAL A 332 -6.17 15.62 -22.23
C VAL A 332 -5.73 16.83 -21.40
N GLN A 333 -6.01 18.04 -21.87
CA GLN A 333 -5.71 19.22 -21.06
C GLN A 333 -6.54 19.23 -19.79
N PHE A 334 -7.82 18.86 -19.87
CA PHE A 334 -8.66 18.77 -18.68
C PHE A 334 -8.16 17.68 -17.75
N VAL A 335 -7.72 16.55 -18.30
CA VAL A 335 -7.18 15.48 -17.45
C VAL A 335 -5.93 15.97 -16.73
N PHE A 336 -5.05 16.68 -17.44
CA PHE A 336 -3.84 17.22 -16.82
C PHE A 336 -4.18 18.23 -15.74
N ASP A 337 -5.15 19.12 -16.00
CA ASP A 337 -5.54 20.10 -15.01
C ASP A 337 -6.11 19.43 -13.77
N ALA A 338 -6.97 18.42 -13.95
CA ALA A 338 -7.53 17.69 -12.82
C ALA A 338 -6.44 16.99 -12.03
N VAL A 339 -5.48 16.36 -12.72
CA VAL A 339 -4.42 15.64 -12.02
C VAL A 339 -3.52 16.60 -11.25
N THR A 340 -3.16 17.74 -11.85
CA THR A 340 -2.34 18.70 -11.13
C THR A 340 -3.10 19.29 -9.95
N ASP A 341 -4.40 19.50 -10.08
CA ASP A 341 -5.25 20.05 -8.98
C ASP A 341 -5.39 18.98 -7.89
N VAL A 342 -5.38 17.69 -8.23
CA VAL A 342 -5.40 16.62 -7.24
C VAL A 342 -4.06 16.57 -6.49
N ILE A 343 -2.96 16.68 -7.22
CA ILE A 343 -1.65 16.65 -6.58
C ILE A 343 -1.46 17.84 -5.66
N ILE A 344 -1.86 19.03 -6.11
CA ILE A 344 -1.72 20.23 -5.28
C ILE A 344 -2.57 20.12 -4.03
N LYS A 345 -3.81 19.63 -4.16
CA LYS A 345 -4.66 19.48 -3.00
C LYS A 345 -4.14 18.41 -2.05
N ASN A 346 -3.53 17.34 -2.57
CA ASN A 346 -2.92 16.35 -1.71
C ASN A 346 -1.75 16.94 -0.93
N ASN A 347 -0.94 17.77 -1.59
CA ASN A 347 0.22 18.42 -0.96
C ASN A 347 -0.30 19.40 0.09
N LEU A 348 -1.41 20.12 -0.15
CA LEU A 348 -1.99 21.04 0.82
C LEU A 348 -2.56 20.29 2.02
N LYS A 349 -3.19 19.14 1.77
CA LYS A 349 -3.71 18.33 2.86
C LYS A 349 -2.57 17.78 3.72
N ASP A 350 -1.47 17.39 3.08
CA ASP A 350 -0.31 16.91 3.84
C ASP A 350 0.25 18.02 4.74
N CYS A 351 0.35 19.24 4.21
CA CYS A 351 0.81 20.35 5.03
C CYS A 351 -0.21 20.80 6.07
N GLY A 352 -1.43 20.29 6.01
CA GLY A 352 -2.47 20.72 6.93
C GLY A 352 -3.22 21.95 6.52
N LEU A 353 -3.10 22.39 5.27
CA LEU A 353 -3.70 23.63 4.79
C LEU A 353 -4.95 23.39 3.96
N PHE A 354 -5.50 22.18 4.00
CA PHE A 354 -6.68 21.85 3.19
C PHE A 354 -7.52 20.80 3.88
N ASP B 23 -36.21 -26.07 -18.25
CA ASP B 23 -37.16 -27.15 -18.44
C ASP B 23 -37.52 -27.79 -17.10
N GLN B 24 -37.81 -29.09 -17.14
CA GLN B 24 -38.14 -29.85 -15.94
C GLN B 24 -36.93 -30.52 -15.31
N LEU B 25 -35.72 -30.28 -15.84
CA LEU B 25 -34.53 -30.93 -15.31
C LEU B 25 -34.16 -30.41 -13.93
N ARG B 26 -34.74 -29.28 -13.54
CA ARG B 26 -34.48 -28.71 -12.19
C ARG B 26 -34.96 -29.69 -11.12
N GLN B 27 -36.05 -30.43 -11.38
CA GLN B 27 -36.58 -31.38 -10.42
C GLN B 27 -35.59 -32.48 -10.12
N GLU B 28 -35.08 -33.14 -11.16
CA GLU B 28 -34.10 -34.20 -10.92
C GLU B 28 -32.77 -33.64 -10.45
N ALA B 29 -32.42 -32.41 -10.84
CA ALA B 29 -31.20 -31.81 -10.32
C ALA B 29 -31.27 -31.61 -8.81
N GLU B 30 -32.38 -31.07 -8.32
CA GLU B 30 -32.52 -30.89 -6.87
C GLU B 30 -32.71 -32.23 -6.16
N GLN B 31 -33.32 -33.22 -6.84
CA GLN B 31 -33.39 -34.56 -6.26
C GLN B 31 -32.00 -35.15 -6.08
N LEU B 32 -31.12 -34.98 -7.07
CA LEU B 32 -29.75 -35.46 -6.95
C LEU B 32 -28.99 -34.70 -5.87
N LYS B 33 -29.21 -33.39 -5.77
CA LYS B 33 -28.60 -32.63 -4.69
C LYS B 33 -29.04 -33.14 -3.32
N ASN B 34 -30.33 -33.42 -3.17
CA ASN B 34 -30.84 -33.95 -1.91
C ASN B 34 -30.28 -35.33 -1.61
N GLN B 35 -30.15 -36.17 -2.65
CA GLN B 35 -29.57 -37.50 -2.45
C GLN B 35 -28.11 -37.40 -2.02
N ILE B 36 -27.35 -36.47 -2.63
CA ILE B 36 -25.96 -36.26 -2.22
C ILE B 36 -25.90 -35.80 -0.77
N ARG B 37 -26.77 -34.86 -0.39
CA ARG B 37 -26.79 -34.39 0.99
C ARG B 37 -27.13 -35.51 1.96
N ASP B 38 -28.10 -36.36 1.59
CA ASP B 38 -28.47 -37.48 2.45
C ASP B 38 -27.32 -38.47 2.59
N ALA B 39 -26.61 -38.76 1.50
CA ALA B 39 -25.47 -39.66 1.59
C ALA B 39 -24.37 -39.08 2.47
N ARG B 40 -24.10 -37.78 2.32
CA ARG B 40 -23.08 -37.15 3.16
C ARG B 40 -23.48 -37.17 4.63
N LYS B 41 -24.76 -36.92 4.92
CA LYS B 41 -25.22 -36.96 6.30
C LYS B 41 -25.15 -38.38 6.86
N ALA B 42 -25.45 -39.38 6.05
CA ALA B 42 -25.35 -40.76 6.49
C ALA B 42 -23.91 -41.14 6.79
N CYS B 43 -22.97 -40.66 5.97
CA CYS B 43 -21.52 -40.99 6.18
C CYS B 43 -21.01 -40.28 7.44
N ALA B 44 -21.69 -39.22 7.89
CA ALA B 44 -21.22 -38.46 9.07
C ALA B 44 -21.69 -39.16 10.35
N ASP B 45 -20.77 -39.83 11.05
CA ASP B 45 -21.12 -40.54 12.31
C ASP B 45 -20.40 -39.88 13.49
N ALA B 46 -19.18 -39.37 13.27
CA ALA B 46 -18.39 -38.76 14.38
C ALA B 46 -17.67 -37.50 13.89
N THR B 47 -17.89 -36.37 14.55
CA THR B 47 -17.23 -35.09 14.17
C THR B 47 -15.72 -35.18 14.43
N LEU B 48 -14.92 -34.45 13.65
CA LEU B 48 -13.44 -34.50 13.81
C LEU B 48 -13.05 -33.98 15.20
N SER B 49 -13.88 -33.17 15.87
CA SER B 49 -13.60 -32.74 17.24
C SER B 49 -13.68 -33.91 18.21
N GLN B 50 -14.70 -34.75 18.06
CA GLN B 50 -14.83 -35.91 18.95
C GLN B 50 -13.65 -36.87 18.79
N ILE B 51 -13.21 -37.08 17.55
CA ILE B 51 -12.10 -38.00 17.32
C ILE B 51 -10.81 -37.44 17.91
N THR B 52 -10.55 -36.16 17.74
CA THR B 52 -9.29 -35.55 18.18
C THR B 52 -9.39 -34.91 19.55
N ASN B 53 -10.46 -35.15 20.30
CA ASN B 53 -10.54 -34.61 21.65
C ASN B 53 -9.46 -35.19 22.56
N ASN B 54 -9.13 -36.48 22.37
CA ASN B 54 -8.12 -37.12 23.20
C ASN B 54 -6.71 -36.65 22.88
N ILE B 55 -6.48 -36.10 21.68
CA ILE B 55 -5.16 -35.62 21.30
C ILE B 55 -4.83 -34.38 22.13
N ASP B 56 -3.65 -34.38 22.75
CA ASP B 56 -3.25 -33.26 23.58
C ASP B 56 -3.03 -32.01 22.74
N PRO B 57 -3.26 -30.82 23.30
CA PRO B 57 -3.08 -29.59 22.53
C PRO B 57 -1.64 -29.44 22.08
N VAL B 58 -1.47 -28.82 20.91
CA VAL B 58 -0.13 -28.55 20.39
C VAL B 58 0.61 -27.53 21.26
N GLY B 59 -0.12 -26.77 22.06
CA GLY B 59 0.48 -25.72 22.87
C GLY B 59 0.67 -24.45 22.08
N ARG B 60 1.08 -23.39 22.78
CA ARG B 60 1.33 -22.13 22.11
C ARG B 60 2.47 -22.27 21.12
N ILE B 61 2.29 -21.69 19.94
CA ILE B 61 3.30 -21.69 18.89
C ILE B 61 3.91 -20.31 18.83
N GLN B 62 5.18 -20.21 19.17
CA GLN B 62 5.90 -18.92 19.17
C GLN B 62 6.87 -18.94 17.99
N MET B 63 6.63 -18.05 17.04
CA MET B 63 7.49 -17.89 15.87
C MET B 63 7.97 -16.45 15.81
N ARG B 64 9.27 -16.28 15.60
CA ARG B 64 9.89 -14.96 15.53
C ARG B 64 10.47 -14.77 14.14
N THR B 65 10.24 -13.58 13.57
CA THR B 65 10.71 -13.30 12.21
C THR B 65 12.22 -13.47 12.12
N ARG B 66 12.65 -14.50 11.40
CA ARG B 66 14.10 -14.74 11.27
C ARG B 66 14.72 -13.86 10.19
N ARG B 67 14.10 -13.88 9.01
CA ARG B 67 14.57 -13.07 7.86
C ARG B 67 13.45 -12.12 7.46
N THR B 68 13.76 -10.91 7.02
CA THR B 68 12.79 -9.98 6.44
C THR B 68 13.36 -9.55 5.09
N LEU B 69 12.85 -10.16 4.01
CA LEU B 69 13.33 -9.84 2.69
C LEU B 69 12.78 -8.50 2.24
N ARG B 70 13.68 -7.57 1.87
CA ARG B 70 13.25 -6.20 1.50
C ARG B 70 13.75 -5.88 0.10
N GLY B 71 13.01 -5.05 -0.64
CA GLY B 71 13.39 -4.73 -2.04
C GLY B 71 12.16 -4.49 -2.89
N HIS B 72 11.05 -5.15 -2.55
CA HIS B 72 9.79 -4.85 -3.25
C HIS B 72 9.41 -3.41 -2.98
N LEU B 73 8.72 -2.81 -3.95
CA LEU B 73 8.29 -1.44 -3.76
C LEU B 73 6.79 -1.27 -3.92
N ALA B 74 6.03 -2.36 -3.93
CA ALA B 74 4.58 -2.30 -4.00
C ALA B 74 4.02 -3.52 -3.27
N LYS B 75 2.68 -3.63 -3.26
CA LYS B 75 1.95 -4.69 -2.50
C LYS B 75 2.23 -6.06 -3.11
N ILE B 76 2.97 -6.95 -2.41
CA ILE B 76 3.20 -8.35 -2.88
C ILE B 76 1.83 -8.98 -3.08
N TYR B 77 1.66 -9.93 -4.00
CA TYR B 77 0.38 -10.67 -4.21
C TYR B 77 0.61 -12.20 -4.27
N ALA B 78 1.85 -12.69 -4.35
CA ALA B 78 2.09 -14.13 -4.37
C ALA B 78 3.54 -14.44 -4.03
N MET B 79 3.76 -15.63 -3.52
CA MET B 79 5.09 -16.18 -3.34
C MET B 79 4.99 -17.69 -3.44
N HIS B 80 6.14 -18.33 -3.69
CA HIS B 80 6.16 -19.78 -3.79
C HIS B 80 7.56 -20.27 -3.45
N TRP B 81 7.66 -21.20 -2.50
CA TRP B 81 8.93 -21.79 -2.13
C TRP B 81 9.41 -22.74 -3.21
N GLY B 82 10.73 -22.96 -3.22
CA GLY B 82 11.30 -23.98 -4.07
C GLY B 82 11.22 -25.35 -3.45
N THR B 83 11.54 -26.36 -4.25
CA THR B 83 11.59 -27.72 -3.73
C THR B 83 12.85 -28.01 -2.95
N ASP B 84 13.86 -27.15 -3.02
CA ASP B 84 15.02 -27.24 -2.16
C ASP B 84 14.84 -26.49 -0.85
N SER B 85 13.69 -25.85 -0.66
CA SER B 85 13.29 -25.17 0.57
C SER B 85 14.19 -24.01 0.94
N ARG B 86 15.01 -23.53 0.01
CA ARG B 86 15.91 -22.40 0.25
C ARG B 86 15.58 -21.18 -0.58
N LEU B 87 15.41 -21.34 -1.89
CA LEU B 87 15.04 -20.24 -2.77
C LEU B 87 13.52 -20.11 -2.81
N LEU B 88 13.05 -18.87 -2.96
CA LEU B 88 11.63 -18.62 -3.12
C LEU B 88 11.43 -17.46 -4.09
N VAL B 89 10.27 -17.46 -4.75
CA VAL B 89 9.91 -16.44 -5.72
C VAL B 89 8.79 -15.61 -5.11
N SER B 90 8.79 -14.31 -5.40
CA SER B 90 7.72 -13.42 -4.96
C SER B 90 7.32 -12.51 -6.12
N ALA B 91 6.03 -12.19 -6.18
CA ALA B 91 5.47 -11.33 -7.21
C ALA B 91 4.80 -10.14 -6.56
N SER B 92 4.97 -8.96 -7.14
CA SER B 92 4.43 -7.74 -6.58
C SER B 92 4.01 -6.80 -7.70
N GLN B 93 3.20 -5.81 -7.34
CA GLN B 93 2.62 -4.88 -8.31
C GLN B 93 3.65 -3.98 -8.98
N ASP B 94 4.88 -3.91 -8.47
CA ASP B 94 5.91 -3.13 -9.12
C ASP B 94 6.45 -3.81 -10.37
N GLY B 95 5.81 -4.88 -10.83
CA GLY B 95 6.25 -5.59 -12.01
C GLY B 95 7.58 -6.27 -11.84
N LYS B 96 7.88 -6.79 -10.65
CA LYS B 96 9.14 -7.43 -10.36
C LYS B 96 8.90 -8.83 -9.82
N LEU B 97 9.60 -9.85 -10.34
CA LEU B 97 9.50 -11.28 -9.91
C LEU B 97 10.86 -11.71 -9.35
N ILE B 98 11.10 -11.58 -8.05
CA ILE B 98 12.39 -11.70 -7.39
C ILE B 98 12.56 -13.13 -6.89
N ILE B 99 13.67 -13.75 -7.27
CA ILE B 99 14.05 -15.06 -6.77
C ILE B 99 14.96 -14.83 -5.57
N TRP B 100 14.41 -14.95 -4.37
CA TRP B 100 15.18 -14.68 -3.16
C TRP B 100 16.05 -15.87 -2.80
N ASP B 101 16.87 -15.69 -1.77
CA ASP B 101 17.64 -16.76 -1.14
C ASP B 101 17.36 -16.60 0.35
N SER B 102 16.36 -17.32 0.86
CA SER B 102 15.88 -17.09 2.22
C SER B 102 16.97 -17.34 3.26
N TYR B 103 17.98 -18.16 2.92
CA TYR B 103 19.07 -18.41 3.85
C TYR B 103 19.91 -17.16 4.08
N THR B 104 20.20 -16.42 3.01
CA THR B 104 21.08 -15.27 3.09
C THR B 104 20.45 -13.97 2.61
N THR B 105 19.15 -13.94 2.34
CA THR B 105 18.40 -12.75 1.93
C THR B 105 18.86 -12.23 0.57
N ASN B 106 19.82 -12.89 -0.07
CA ASN B 106 20.34 -12.43 -1.34
C ASN B 106 19.31 -12.60 -2.45
N LYS B 107 19.26 -11.63 -3.35
CA LYS B 107 18.35 -11.66 -4.48
C LYS B 107 19.05 -12.40 -5.62
N VAL B 108 18.65 -13.65 -5.86
CA VAL B 108 19.28 -14.43 -6.92
C VAL B 108 18.89 -13.89 -8.29
N HIS B 109 17.62 -13.51 -8.47
CA HIS B 109 17.14 -13.01 -9.74
C HIS B 109 16.10 -11.93 -9.50
N ALA B 110 15.90 -11.08 -10.50
CA ALA B 110 14.85 -10.03 -10.41
C ALA B 110 14.25 -9.89 -11.80
N ILE B 111 13.22 -10.67 -12.13
CA ILE B 111 12.68 -10.68 -13.51
C ILE B 111 11.70 -9.52 -13.71
N PRO B 112 11.96 -8.59 -14.66
CA PRO B 112 11.02 -7.51 -14.94
C PRO B 112 9.81 -8.05 -15.72
N LEU B 113 8.60 -7.90 -15.16
CA LEU B 113 7.40 -8.39 -15.81
C LEU B 113 6.95 -7.42 -16.91
N ARG B 114 6.42 -7.98 -18.00
CA ARG B 114 5.89 -7.16 -19.13
C ARG B 114 4.63 -6.44 -18.64
N SER B 115 3.81 -7.08 -17.80
CA SER B 115 2.63 -6.47 -17.21
C SER B 115 2.81 -6.41 -15.70
N SER B 116 2.71 -5.21 -15.14
CA SER B 116 2.93 -5.03 -13.71
C SER B 116 1.79 -5.58 -12.86
N TRP B 117 0.67 -5.97 -13.46
CA TRP B 117 -0.47 -6.49 -12.73
C TRP B 117 -0.34 -8.01 -12.65
N VAL B 118 0.43 -8.45 -11.65
CA VAL B 118 0.67 -9.86 -11.39
C VAL B 118 -0.05 -10.24 -10.11
N MET B 119 -0.82 -11.32 -10.17
CA MET B 119 -1.61 -11.77 -9.02
C MET B 119 -1.22 -13.15 -8.55
N THR B 120 -0.29 -13.82 -9.23
CA THR B 120 0.13 -15.16 -8.83
C THR B 120 1.52 -15.42 -9.35
N CYS B 121 2.20 -16.37 -8.69
CA CYS B 121 3.49 -16.83 -9.15
C CYS B 121 3.69 -18.26 -8.67
N ALA B 122 4.56 -18.98 -9.36
CA ALA B 122 4.88 -20.35 -9.00
C ALA B 122 6.35 -20.60 -9.33
N TYR B 123 6.93 -21.58 -8.66
CA TYR B 123 8.31 -21.95 -8.86
C TYR B 123 8.32 -23.42 -9.22
N ALA B 124 8.93 -23.76 -10.35
CA ALA B 124 8.80 -25.11 -10.87
C ALA B 124 9.46 -26.12 -9.92
N PRO B 125 8.93 -27.34 -9.82
CA PRO B 125 9.57 -28.32 -8.92
C PRO B 125 11.01 -28.62 -9.27
N SER B 126 11.34 -28.66 -10.56
CA SER B 126 12.72 -28.86 -10.97
C SER B 126 13.61 -27.67 -10.66
N GLY B 127 13.01 -26.52 -10.34
CA GLY B 127 13.79 -25.33 -10.06
C GLY B 127 14.26 -24.58 -11.28
N ASN B 128 13.86 -25.00 -12.48
CA ASN B 128 14.35 -24.36 -13.69
C ASN B 128 13.45 -23.23 -14.17
N TYR B 129 12.15 -23.32 -13.92
CA TYR B 129 11.17 -22.40 -14.47
C TYR B 129 10.42 -21.68 -13.37
N VAL B 130 9.92 -20.49 -13.70
CA VAL B 130 9.06 -19.71 -12.82
C VAL B 130 7.93 -19.13 -13.65
N ALA B 131 6.71 -19.20 -13.13
CA ALA B 131 5.54 -18.70 -13.82
C ALA B 131 4.92 -17.55 -13.05
N CYS B 132 4.25 -16.66 -13.78
CA CYS B 132 3.49 -15.59 -13.16
C CYS B 132 2.36 -15.17 -14.09
N GLY B 133 1.36 -14.51 -13.51
CA GLY B 133 0.21 -14.06 -14.27
C GLY B 133 -0.63 -13.15 -13.41
N GLY B 134 -1.59 -12.49 -14.07
CA GLY B 134 -2.42 -11.54 -13.35
C GLY B 134 -3.57 -10.99 -14.15
N LEU B 135 -3.79 -9.68 -14.05
CA LEU B 135 -4.90 -9.05 -14.76
C LEU B 135 -4.78 -9.24 -16.26
N ASP B 136 -3.57 -9.18 -16.80
CA ASP B 136 -3.35 -9.68 -18.14
C ASP B 136 -3.60 -11.18 -18.14
N ASN B 137 -4.45 -11.65 -19.05
CA ASN B 137 -4.90 -13.03 -18.98
C ASN B 137 -3.88 -13.98 -19.59
N ILE B 138 -2.62 -13.89 -19.13
CA ILE B 138 -1.51 -14.61 -19.72
C ILE B 138 -0.65 -15.17 -18.59
N CYS B 139 -0.28 -16.45 -18.72
CA CYS B 139 0.63 -17.12 -17.79
C CYS B 139 2.02 -17.13 -18.41
N SER B 140 2.85 -16.16 -18.04
CA SER B 140 4.21 -16.10 -18.53
C SER B 140 5.09 -17.08 -17.77
N ILE B 141 5.96 -17.77 -18.50
CA ILE B 141 6.86 -18.76 -17.92
C ILE B 141 8.29 -18.33 -18.22
N TYR B 142 9.09 -18.14 -17.19
CA TYR B 142 10.49 -17.66 -17.30
C TYR B 142 11.41 -18.86 -17.15
N ASN B 143 12.52 -18.90 -17.86
CA ASN B 143 13.52 -19.95 -17.81
C ASN B 143 14.68 -19.43 -16.97
N LEU B 144 14.73 -19.84 -15.70
CA LEU B 144 15.76 -19.34 -14.80
C LEU B 144 17.15 -19.82 -15.21
N LYS B 145 17.31 -21.11 -15.42
CA LYS B 145 18.61 -21.71 -15.70
C LYS B 145 18.77 -21.90 -17.19
N THR B 146 19.51 -20.96 -17.78
CA THR B 146 19.74 -21.03 -19.24
C THR B 146 21.24 -21.11 -19.52
N ARG B 147 21.61 -21.01 -20.79
CA ARG B 147 23.01 -21.14 -21.21
C ARG B 147 23.77 -19.83 -21.17
N GLU B 148 23.11 -18.72 -20.86
CA GLU B 148 23.76 -17.42 -20.79
C GLU B 148 23.63 -16.74 -19.43
N GLY B 149 22.92 -17.35 -18.48
CA GLY B 149 22.77 -16.76 -17.17
C GLY B 149 21.80 -15.60 -17.08
N ASN B 150 21.02 -15.36 -18.14
CA ASN B 150 20.04 -14.28 -18.16
C ASN B 150 18.66 -14.88 -18.30
N VAL B 151 17.79 -14.57 -17.32
CA VAL B 151 16.37 -15.07 -17.31
C VAL B 151 15.60 -14.42 -18.46
N ARG B 152 14.85 -15.20 -19.25
CA ARG B 152 14.03 -14.70 -20.35
C ARG B 152 12.73 -15.49 -20.42
N VAL B 153 11.68 -14.84 -20.94
CA VAL B 153 10.32 -15.44 -20.99
C VAL B 153 10.37 -16.62 -21.97
N SER B 154 10.31 -17.85 -21.48
CA SER B 154 10.31 -19.03 -22.33
C SER B 154 9.02 -19.14 -23.15
N ARG B 155 7.86 -19.02 -22.49
CA ARG B 155 6.59 -19.15 -23.16
C ARG B 155 5.57 -18.25 -22.48
N GLU B 156 4.58 -17.76 -23.25
CA GLU B 156 3.43 -16.96 -22.71
C GLU B 156 2.16 -17.74 -23.08
N LEU B 157 1.40 -18.24 -22.11
CA LEU B 157 0.24 -19.10 -22.33
C LEU B 157 -1.02 -18.23 -22.32
N ALA B 158 -1.63 -18.09 -23.50
CA ALA B 158 -2.85 -17.31 -23.65
C ALA B 158 -4.02 -18.23 -23.95
N GLY B 159 -5.22 -17.77 -23.62
CA GLY B 159 -6.41 -18.57 -23.81
C GLY B 159 -7.45 -18.37 -22.74
N HIS B 160 -7.05 -17.82 -21.60
CA HIS B 160 -8.01 -17.45 -20.57
C HIS B 160 -8.65 -16.12 -20.92
N THR B 161 -9.95 -16.01 -20.66
CA THR B 161 -10.68 -14.77 -20.89
C THR B 161 -10.91 -13.97 -19.63
N GLY B 162 -10.25 -14.35 -18.52
CA GLY B 162 -10.34 -13.59 -17.29
C GLY B 162 -8.99 -13.56 -16.61
N TYR B 163 -8.90 -12.74 -15.57
CA TYR B 163 -7.65 -12.59 -14.85
C TYR B 163 -7.20 -13.94 -14.29
N LEU B 164 -5.92 -14.25 -14.48
CA LEU B 164 -5.38 -15.53 -14.06
C LEU B 164 -4.99 -15.45 -12.59
N SER B 165 -5.69 -16.21 -11.76
CA SER B 165 -5.61 -16.02 -10.31
C SER B 165 -4.54 -16.89 -9.67
N CYS B 166 -4.31 -18.09 -10.21
CA CYS B 166 -3.33 -18.99 -9.62
C CYS B 166 -2.75 -19.87 -10.72
N CYS B 167 -1.51 -20.31 -10.50
CA CYS B 167 -0.84 -21.23 -11.41
C CYS B 167 0.10 -22.11 -10.59
N ARG B 168 0.07 -23.41 -10.86
CA ARG B 168 0.94 -24.36 -10.18
C ARG B 168 1.56 -25.28 -11.22
N PHE B 169 2.86 -25.52 -11.08
CA PHE B 169 3.60 -26.35 -12.03
C PHE B 169 3.31 -27.82 -11.74
N LEU B 170 2.64 -28.49 -12.68
CA LEU B 170 2.44 -29.93 -12.55
C LEU B 170 3.76 -30.67 -12.62
N ASP B 171 4.59 -30.34 -13.61
CA ASP B 171 5.95 -30.82 -13.71
C ASP B 171 6.75 -29.76 -14.47
N ASP B 172 7.91 -30.15 -15.00
CA ASP B 172 8.72 -29.23 -15.76
C ASP B 172 8.08 -28.82 -17.09
N ASN B 173 7.06 -29.57 -17.55
CA ASN B 173 6.50 -29.36 -18.88
C ASN B 173 5.01 -29.02 -18.85
N GLN B 174 4.32 -29.25 -17.73
CA GLN B 174 2.90 -29.00 -17.64
C GLN B 174 2.61 -28.09 -16.47
N ILE B 175 1.69 -27.15 -16.66
CA ILE B 175 1.30 -26.19 -15.63
C ILE B 175 -0.21 -26.06 -15.62
N VAL B 176 -0.78 -25.98 -14.41
CA VAL B 176 -2.22 -25.84 -14.22
C VAL B 176 -2.49 -24.41 -13.78
N THR B 177 -3.38 -23.73 -14.50
CA THR B 177 -3.72 -22.34 -14.19
C THR B 177 -5.21 -22.22 -13.94
N SER B 178 -5.57 -21.36 -13.00
CA SER B 178 -6.95 -21.07 -12.67
C SER B 178 -7.18 -19.57 -12.83
N SER B 179 -8.17 -19.22 -13.64
CA SER B 179 -8.41 -17.80 -13.97
C SER B 179 -9.82 -17.39 -13.63
N GLY B 180 -10.16 -16.10 -13.79
CA GLY B 180 -11.47 -15.58 -13.38
C GLY B 180 -12.54 -15.79 -14.44
N ASP B 181 -12.30 -16.68 -15.40
CA ASP B 181 -13.37 -17.01 -16.39
C ASP B 181 -14.06 -18.30 -15.95
N THR B 182 -14.09 -18.57 -14.63
CA THR B 182 -14.74 -19.78 -14.05
C THR B 182 -14.09 -21.08 -14.55
N THR B 183 -12.93 -21.03 -15.22
CA THR B 183 -12.38 -22.25 -15.77
C THR B 183 -10.92 -22.40 -15.35
N CYS B 184 -10.54 -23.61 -14.98
CA CYS B 184 -9.14 -23.97 -14.79
C CYS B 184 -8.66 -24.73 -16.02
N ALA B 185 -7.38 -24.59 -16.33
CA ALA B 185 -6.82 -25.17 -17.54
C ALA B 185 -5.52 -25.89 -17.25
N LEU B 186 -5.30 -27.00 -17.94
CA LEU B 186 -4.03 -27.70 -17.92
C LEU B 186 -3.27 -27.35 -19.20
N TRP B 187 -2.09 -26.76 -19.04
CA TRP B 187 -1.30 -26.25 -20.17
C TRP B 187 -0.14 -27.18 -20.52
N ASP B 188 0.15 -27.31 -21.80
CA ASP B 188 1.35 -27.99 -22.29
C ASP B 188 2.34 -26.90 -22.68
N ILE B 189 3.36 -26.72 -21.85
CA ILE B 189 4.27 -25.58 -22.01
C ILE B 189 5.00 -25.65 -23.35
N GLU B 190 5.36 -26.86 -23.78
CA GLU B 190 6.13 -27.00 -25.01
C GLU B 190 5.35 -26.49 -26.21
N THR B 191 4.06 -26.82 -26.31
CA THR B 191 3.24 -26.39 -27.42
C THR B 191 2.48 -25.10 -27.14
N GLY B 192 2.21 -24.80 -25.87
CA GLY B 192 1.54 -23.58 -25.50
C GLY B 192 0.03 -23.63 -25.55
N GLN B 193 -0.57 -24.80 -25.76
CA GLN B 193 -2.02 -24.93 -25.86
C GLN B 193 -2.57 -25.62 -24.62
N GLN B 194 -3.89 -25.43 -24.39
CA GLN B 194 -4.60 -26.06 -23.24
C GLN B 194 -4.84 -27.54 -23.59
N THR B 195 -4.07 -28.47 -23.02
CA THR B 195 -4.32 -29.89 -23.20
C THR B 195 -5.69 -30.28 -22.68
N THR B 196 -6.10 -29.69 -21.55
CA THR B 196 -7.40 -29.95 -20.96
C THR B 196 -7.91 -28.68 -20.31
N THR B 197 -9.23 -28.49 -20.34
CA THR B 197 -9.88 -27.38 -19.65
C THR B 197 -10.87 -27.95 -18.65
N PHE B 198 -10.99 -27.33 -17.47
CA PHE B 198 -11.79 -27.84 -16.32
C PHE B 198 -12.95 -26.87 -16.05
N THR B 199 -14.12 -27.08 -16.68
CA THR B 199 -15.28 -26.22 -16.57
C THR B 199 -16.23 -26.77 -15.51
N GLY B 200 -17.05 -25.89 -14.96
CA GLY B 200 -18.03 -26.30 -13.98
C GLY B 200 -18.25 -25.28 -12.86
N HIS B 201 -17.25 -24.46 -12.59
CA HIS B 201 -17.39 -23.43 -11.58
C HIS B 201 -18.35 -22.35 -12.05
N THR B 202 -19.11 -21.80 -11.11
CA THR B 202 -20.06 -20.74 -11.42
C THR B 202 -19.47 -19.35 -11.28
N GLY B 203 -18.43 -19.18 -10.47
CA GLY B 203 -17.82 -17.88 -10.27
C GLY B 203 -16.34 -17.89 -10.51
N ASP B 204 -15.67 -16.77 -10.25
CA ASP B 204 -14.21 -16.61 -10.50
C ASP B 204 -13.38 -17.57 -9.65
N VAL B 205 -12.56 -18.41 -10.25
CA VAL B 205 -11.68 -19.34 -9.54
C VAL B 205 -10.50 -18.55 -8.98
N MET B 206 -10.34 -18.55 -7.65
CA MET B 206 -9.36 -17.69 -6.94
C MET B 206 -8.20 -18.48 -6.32
N SER B 207 -8.17 -19.83 -6.36
CA SER B 207 -7.04 -20.56 -5.81
C SER B 207 -7.04 -21.96 -6.40
N LEU B 208 -5.91 -22.64 -6.20
CA LEU B 208 -5.67 -23.93 -6.85
C LEU B 208 -4.50 -24.60 -6.15
N SER B 209 -4.69 -25.86 -5.75
CA SER B 209 -3.65 -26.60 -5.03
C SER B 209 -3.45 -27.95 -5.67
N LEU B 210 -2.20 -28.29 -5.94
CA LEU B 210 -1.87 -29.55 -6.60
C LEU B 210 -1.70 -30.66 -5.58
N ALA B 211 -1.99 -31.88 -6.01
CA ALA B 211 -1.85 -33.05 -5.12
C ALA B 211 -0.36 -33.35 -4.96
N PRO B 212 0.09 -33.98 -3.87
CA PRO B 212 1.47 -34.47 -3.73
C PRO B 212 1.88 -35.42 -4.83
N ASP B 213 0.96 -36.25 -5.32
CA ASP B 213 1.25 -37.12 -6.46
C ASP B 213 0.88 -36.48 -7.80
N THR B 214 0.37 -35.25 -7.78
CA THR B 214 0.08 -34.45 -8.98
C THR B 214 -0.90 -35.14 -9.92
N ARG B 215 -1.74 -36.02 -9.41
CA ARG B 215 -2.79 -36.64 -10.21
C ARG B 215 -4.15 -35.98 -10.01
N LEU B 216 -4.29 -35.12 -9.00
CA LEU B 216 -5.53 -34.42 -8.74
C LEU B 216 -5.20 -33.00 -8.33
N PHE B 217 -6.20 -32.11 -8.37
CA PHE B 217 -6.02 -30.69 -7.94
C PHE B 217 -7.39 -30.06 -7.67
N VAL B 218 -7.56 -29.30 -6.59
CA VAL B 218 -8.80 -28.63 -6.24
C VAL B 218 -8.67 -27.15 -6.51
N SER B 219 -9.80 -26.52 -6.81
CA SER B 219 -9.86 -25.10 -7.07
C SER B 219 -10.96 -24.48 -6.23
N GLY B 220 -10.61 -23.43 -5.48
CA GLY B 220 -11.58 -22.68 -4.71
C GLY B 220 -11.99 -21.45 -5.50
N ALA B 221 -13.30 -21.34 -5.76
CA ALA B 221 -13.82 -20.31 -6.65
C ALA B 221 -14.73 -19.37 -5.88
N CYS B 222 -15.26 -18.35 -6.58
CA CYS B 222 -16.09 -17.28 -5.96
C CYS B 222 -17.55 -17.73 -5.82
N ASP B 223 -17.93 -18.93 -6.29
CA ASP B 223 -19.29 -19.41 -6.05
C ASP B 223 -19.44 -20.08 -4.69
N ALA B 224 -18.50 -19.81 -3.77
CA ALA B 224 -18.50 -20.41 -2.44
C ALA B 224 -18.49 -21.93 -2.50
N SER B 225 -17.69 -22.49 -3.39
CA SER B 225 -17.57 -23.93 -3.52
C SER B 225 -16.18 -24.28 -4.04
N ALA B 226 -15.75 -25.51 -3.77
CA ALA B 226 -14.48 -26.03 -4.25
C ALA B 226 -14.72 -27.37 -4.93
N LYS B 227 -14.00 -27.62 -6.00
CA LYS B 227 -14.18 -28.82 -6.80
C LYS B 227 -12.86 -29.57 -6.92
N LEU B 228 -12.94 -30.89 -6.80
CA LEU B 228 -11.79 -31.77 -6.98
C LEU B 228 -11.75 -32.21 -8.44
N TRP B 229 -10.65 -31.95 -9.12
CA TRP B 229 -10.51 -32.22 -10.54
C TRP B 229 -9.52 -33.35 -10.76
N ASP B 230 -9.76 -34.16 -11.80
CA ASP B 230 -8.77 -35.18 -12.22
C ASP B 230 -7.98 -34.49 -13.32
N VAL B 231 -6.65 -34.50 -13.26
CA VAL B 231 -5.79 -33.87 -14.27
C VAL B 231 -5.90 -34.61 -15.60
N ARG B 232 -5.89 -35.94 -15.56
CA ARG B 232 -5.88 -36.72 -16.79
C ARG B 232 -7.24 -36.64 -17.50
N GLU B 233 -8.30 -37.09 -16.84
CA GLU B 233 -9.62 -37.12 -17.46
C GLU B 233 -10.23 -35.74 -17.62
N GLY B 234 -9.84 -34.77 -16.79
CA GLY B 234 -10.40 -33.43 -16.92
C GLY B 234 -11.87 -33.33 -16.55
N MET B 235 -12.28 -34.03 -15.50
CA MET B 235 -13.68 -34.03 -15.07
C MET B 235 -13.74 -33.81 -13.57
N CYS B 236 -14.77 -33.11 -13.12
CA CYS B 236 -14.93 -32.80 -11.70
C CYS B 236 -15.37 -34.04 -10.94
N ARG B 237 -14.50 -34.56 -10.08
CA ARG B 237 -14.81 -35.78 -9.29
C ARG B 237 -15.78 -35.40 -8.16
N GLN B 238 -15.58 -34.27 -7.45
CA GLN B 238 -16.39 -33.94 -6.29
C GLN B 238 -16.53 -32.43 -6.17
N THR B 239 -17.57 -32.01 -5.46
CA THR B 239 -17.85 -30.61 -5.19
C THR B 239 -18.10 -30.44 -3.70
N PHE B 240 -17.44 -29.44 -3.10
CA PHE B 240 -17.49 -29.21 -1.66
C PHE B 240 -18.08 -27.83 -1.41
N THR B 241 -19.33 -27.79 -0.96
CA THR B 241 -20.06 -26.54 -0.76
C THR B 241 -20.31 -26.36 0.72
N GLY B 242 -19.42 -25.63 1.40
CA GLY B 242 -19.60 -25.37 2.81
C GLY B 242 -19.50 -23.90 3.18
N HIS B 243 -18.89 -23.11 2.31
CA HIS B 243 -18.63 -21.71 2.60
C HIS B 243 -19.83 -20.84 2.25
N GLU B 244 -19.94 -19.71 2.94
CA GLU B 244 -21.00 -18.74 2.69
C GLU B 244 -20.54 -17.58 1.82
N SER B 245 -19.27 -17.55 1.43
CA SER B 245 -18.75 -16.48 0.59
C SER B 245 -17.64 -17.04 -0.29
N ASP B 246 -17.08 -16.19 -1.13
CA ASP B 246 -16.09 -16.62 -2.11
C ASP B 246 -14.80 -17.10 -1.44
N ILE B 247 -14.23 -18.16 -2.01
CA ILE B 247 -13.05 -18.80 -1.45
C ILE B 247 -11.81 -18.17 -2.06
N ASN B 248 -10.88 -17.72 -1.20
CA ASN B 248 -9.69 -17.03 -1.67
C ASN B 248 -8.45 -17.92 -1.67
N ALA B 249 -8.44 -19.01 -0.91
CA ALA B 249 -7.25 -19.84 -0.81
C ALA B 249 -7.64 -21.29 -0.60
N ILE B 250 -6.74 -22.18 -0.97
CA ILE B 250 -6.98 -23.62 -0.86
C ILE B 250 -5.62 -24.31 -0.83
N CYS B 251 -5.51 -25.39 -0.06
CA CYS B 251 -4.21 -26.08 0.09
C CYS B 251 -4.42 -27.55 0.48
N PHE B 252 -3.84 -28.48 -0.26
CA PHE B 252 -3.99 -29.93 0.03
C PHE B 252 -3.24 -30.31 1.31
N PHE B 253 -3.89 -31.06 2.19
CA PHE B 253 -3.23 -31.58 3.42
C PHE B 253 -2.09 -32.49 2.98
N PRO B 254 -0.92 -32.48 3.65
CA PRO B 254 0.22 -33.31 3.22
C PRO B 254 -0.14 -34.73 2.77
N ASN B 255 -1.15 -35.36 3.40
CA ASN B 255 -1.54 -36.70 3.02
C ASN B 255 -2.03 -36.76 1.58
N GLY B 256 -2.60 -35.67 1.08
CA GLY B 256 -3.22 -35.65 -0.22
C GLY B 256 -4.67 -36.07 -0.25
N ASN B 257 -5.23 -36.43 0.90
CA ASN B 257 -6.63 -36.88 0.99
C ASN B 257 -7.54 -35.82 1.60
N ALA B 258 -7.02 -34.62 1.83
CA ALA B 258 -7.84 -33.57 2.41
C ALA B 258 -7.25 -32.22 2.02
N PHE B 259 -8.05 -31.17 2.19
CA PHE B 259 -7.60 -29.82 1.88
C PHE B 259 -8.31 -28.82 2.77
N ALA B 260 -7.73 -27.63 2.87
CA ALA B 260 -8.28 -26.55 3.66
C ALA B 260 -8.54 -25.35 2.77
N THR B 261 -9.65 -24.66 3.03
CA THR B 261 -10.09 -23.53 2.20
C THR B 261 -10.20 -22.27 3.04
N GLY B 262 -9.78 -21.12 2.51
CA GLY B 262 -9.90 -19.86 3.20
C GLY B 262 -10.74 -18.88 2.41
N SER B 263 -11.81 -18.36 3.01
CA SER B 263 -12.76 -17.52 2.29
C SER B 263 -12.95 -16.20 3.03
N ASP B 264 -13.64 -15.28 2.36
CA ASP B 264 -14.00 -14.00 2.97
C ASP B 264 -15.07 -14.15 4.03
N ASP B 265 -15.53 -15.37 4.30
CA ASP B 265 -16.41 -15.64 5.44
C ASP B 265 -15.68 -15.44 6.76
N ALA B 266 -14.38 -15.13 6.73
CA ALA B 266 -13.52 -15.06 7.91
C ALA B 266 -13.38 -16.41 8.60
N THR B 267 -13.65 -17.50 7.85
CA THR B 267 -13.57 -18.87 8.42
C THR B 267 -12.79 -19.79 7.49
N CYS B 268 -11.88 -20.60 8.03
CA CYS B 268 -11.19 -21.63 7.20
C CYS B 268 -11.94 -22.94 7.39
N ARG B 269 -11.92 -23.82 6.39
CA ARG B 269 -12.70 -25.08 6.49
C ARG B 269 -11.88 -26.25 5.96
N LEU B 270 -11.99 -27.41 6.60
CA LEU B 270 -11.25 -28.59 6.20
C LEU B 270 -12.21 -29.59 5.55
N PHE B 271 -11.95 -29.93 4.30
CA PHE B 271 -12.75 -30.89 3.56
C PHE B 271 -11.94 -32.14 3.32
N ASP B 272 -12.57 -33.31 3.46
CA ASP B 272 -11.90 -34.63 3.23
C ASP B 272 -12.40 -35.15 1.90
N LEU B 273 -11.52 -35.71 1.07
CA LEU B 273 -11.88 -36.24 -0.24
C LEU B 273 -12.69 -37.53 -0.12
N ARG B 274 -12.21 -38.48 0.69
CA ARG B 274 -12.91 -39.76 0.80
C ARG B 274 -14.23 -39.60 1.53
N ALA B 275 -14.25 -38.82 2.61
CA ALA B 275 -15.50 -38.56 3.31
C ALA B 275 -16.42 -37.66 2.50
N ASP B 276 -15.89 -36.99 1.48
CA ASP B 276 -16.68 -36.07 0.61
C ASP B 276 -17.54 -35.13 1.47
N GLN B 277 -16.99 -34.51 2.53
CA GLN B 277 -17.74 -33.53 3.30
C GLN B 277 -16.79 -32.74 4.18
N GLU B 278 -17.31 -31.65 4.73
CA GLU B 278 -16.56 -30.81 5.63
C GLU B 278 -16.24 -31.55 6.92
N LEU B 279 -15.04 -31.36 7.48
CA LEU B 279 -14.57 -32.02 8.74
C LEU B 279 -14.52 -30.99 9.87
N MET B 280 -13.88 -29.83 9.67
CA MET B 280 -13.66 -28.90 10.76
C MET B 280 -13.78 -27.48 10.23
N THR B 281 -14.21 -26.57 11.11
CA THR B 281 -14.34 -25.15 10.80
C THR B 281 -13.40 -24.37 11.71
N TYR B 282 -12.45 -23.60 11.14
CA TYR B 282 -11.43 -22.84 11.89
C TYR B 282 -11.86 -21.37 11.99
N SER B 283 -12.77 -21.05 12.92
CA SER B 283 -13.37 -19.73 13.06
C SER B 283 -13.22 -19.22 14.48
N HIS B 284 -13.19 -17.89 14.60
CA HIS B 284 -13.15 -17.23 15.89
C HIS B 284 -14.04 -16.00 15.85
N ASP B 285 -14.65 -15.67 16.98
CA ASP B 285 -15.54 -14.51 17.03
C ASP B 285 -14.76 -13.21 16.86
N ASN B 286 -13.49 -13.18 17.26
CA ASN B 286 -12.67 -11.99 17.13
C ASN B 286 -12.18 -11.75 15.71
N ILE B 287 -12.41 -12.68 14.79
CA ILE B 287 -11.99 -12.55 13.40
C ILE B 287 -13.21 -12.26 12.55
N ILE B 288 -13.19 -11.10 11.88
CA ILE B 288 -14.30 -10.73 10.94
C ILE B 288 -13.69 -10.43 9.57
N CYS B 289 -12.38 -10.65 9.42
CA CYS B 289 -11.68 -10.34 8.14
C CYS B 289 -11.44 -11.63 7.34
N GLY B 290 -11.52 -11.56 6.01
CA GLY B 290 -11.40 -12.78 5.17
C GLY B 290 -10.01 -13.35 5.12
N ILE B 291 -9.90 -14.67 4.89
CA ILE B 291 -8.56 -15.33 4.76
C ILE B 291 -8.04 -15.09 3.34
N THR B 292 -6.77 -14.76 3.22
CA THR B 292 -6.18 -14.44 1.88
C THR B 292 -5.28 -15.59 1.44
N SER B 293 -4.81 -16.41 2.38
CA SER B 293 -3.87 -17.53 2.04
C SER B 293 -3.85 -18.59 3.14
N VAL B 294 -3.84 -19.87 2.78
CA VAL B 294 -3.71 -20.96 3.74
C VAL B 294 -2.61 -21.90 3.27
N SER B 295 -2.05 -22.63 4.22
CA SER B 295 -1.07 -23.67 3.94
C SER B 295 -0.90 -24.53 5.18
N PHE B 296 -0.37 -25.72 4.99
CA PHE B 296 -0.17 -26.69 6.06
C PHE B 296 1.31 -26.82 6.37
N SER B 297 1.60 -27.33 7.56
CA SER B 297 2.97 -27.67 7.92
C SER B 297 3.36 -29.00 7.27
N LYS B 298 4.59 -29.45 7.56
CA LYS B 298 5.04 -30.70 6.97
C LYS B 298 4.19 -31.88 7.43
N SER B 299 3.82 -31.91 8.69
CA SER B 299 3.02 -32.99 9.24
C SER B 299 1.53 -32.77 9.07
N GLY B 300 1.11 -31.59 8.63
CA GLY B 300 -0.30 -31.29 8.49
C GLY B 300 -1.01 -30.93 9.77
N ARG B 301 -0.28 -30.81 10.90
CA ARG B 301 -0.89 -30.58 12.25
C ARG B 301 -1.07 -29.08 12.51
N LEU B 302 -0.43 -28.19 11.76
CA LEU B 302 -0.65 -26.76 11.85
C LEU B 302 -1.13 -26.23 10.49
N LEU B 303 -2.29 -25.59 10.50
CA LEU B 303 -2.82 -24.91 9.32
C LEU B 303 -2.55 -23.42 9.50
N LEU B 304 -1.55 -22.90 8.77
CA LEU B 304 -1.15 -21.46 8.85
C LEU B 304 -1.99 -20.68 7.84
N ALA B 305 -2.83 -19.74 8.26
CA ALA B 305 -3.77 -18.99 7.43
C ALA B 305 -3.46 -17.50 7.54
N GLY B 306 -3.20 -16.86 6.41
CA GLY B 306 -3.09 -15.41 6.39
C GLY B 306 -4.46 -14.76 6.43
N TYR B 307 -4.49 -13.50 6.88
CA TYR B 307 -5.75 -12.81 7.09
C TYR B 307 -5.66 -11.38 6.61
N ASP B 308 -6.82 -10.70 6.49
CA ASP B 308 -6.89 -9.27 6.12
C ASP B 308 -6.70 -8.45 7.40
N ASP B 309 -6.60 -9.08 8.59
CA ASP B 309 -6.30 -8.40 9.85
C ASP B 309 -4.83 -8.05 9.99
N PHE B 310 -4.05 -8.15 8.92
CA PHE B 310 -2.64 -7.82 8.82
C PHE B 310 -1.75 -8.88 9.43
N ASN B 311 -2.36 -9.92 10.02
CA ASN B 311 -1.57 -10.97 10.72
C ASN B 311 -1.96 -12.37 10.24
N CYS B 312 -1.04 -13.34 10.36
CA CYS B 312 -1.36 -14.74 10.02
C CYS B 312 -1.62 -15.50 11.31
N ASN B 313 -2.72 -16.26 11.37
CA ASN B 313 -3.06 -17.03 12.60
C ASN B 313 -2.73 -18.50 12.37
N VAL B 314 -1.95 -19.11 13.28
CA VAL B 314 -1.63 -20.53 13.16
C VAL B 314 -2.75 -21.34 13.79
N TRP B 315 -3.29 -22.28 13.03
CA TRP B 315 -4.42 -23.10 13.46
C TRP B 315 -3.98 -24.54 13.62
N ASP B 316 -4.26 -25.11 14.79
CA ASP B 316 -4.03 -26.53 15.00
C ASP B 316 -5.12 -27.31 14.27
N ALA B 317 -4.75 -28.01 13.21
CA ALA B 317 -5.74 -28.54 12.28
C ALA B 317 -6.67 -29.55 12.95
N LEU B 318 -6.12 -30.40 13.82
CA LEU B 318 -6.91 -31.49 14.38
C LEU B 318 -7.88 -31.00 15.44
N LYS B 319 -7.53 -29.96 16.18
CA LYS B 319 -8.34 -29.50 17.30
C LYS B 319 -9.01 -28.15 17.07
N ALA B 320 -8.71 -27.47 15.96
CA ALA B 320 -9.30 -26.18 15.63
C ALA B 320 -9.06 -25.14 16.73
N ASP B 321 -7.85 -25.11 17.25
CA ASP B 321 -7.47 -24.15 18.29
C ASP B 321 -6.46 -23.17 17.72
N ARG B 322 -6.63 -21.90 18.07
CA ARG B 322 -5.71 -20.85 17.63
C ARG B 322 -4.41 -20.99 18.40
N ALA B 323 -3.45 -21.71 17.83
CA ALA B 323 -2.20 -22.02 18.51
C ALA B 323 -1.33 -20.79 18.65
N GLY B 324 -0.96 -20.19 17.51
CA GLY B 324 -0.09 -19.03 17.50
C GLY B 324 -0.60 -17.92 16.59
N VAL B 325 0.13 -16.82 16.62
CA VAL B 325 -0.18 -15.64 15.80
C VAL B 325 1.11 -15.13 15.19
N LEU B 326 1.23 -15.06 13.86
CA LEU B 326 2.45 -14.51 13.19
C LEU B 326 2.21 -13.02 12.90
N ALA B 327 1.97 -12.21 13.95
CA ALA B 327 1.84 -10.77 13.82
C ALA B 327 3.18 -10.14 13.51
N GLY B 328 3.15 -8.99 12.83
CA GLY B 328 4.39 -8.29 12.41
C GLY B 328 4.17 -7.52 11.12
N HIS B 329 3.22 -7.93 10.27
CA HIS B 329 3.05 -7.32 8.97
C HIS B 329 2.29 -6.01 9.09
N ASP B 330 2.77 -4.99 8.38
CA ASP B 330 2.15 -3.66 8.45
C ASP B 330 0.84 -3.61 7.67
N ASN B 331 0.65 -4.49 6.70
CA ASN B 331 -0.54 -4.50 5.86
C ASN B 331 -1.10 -5.91 5.75
N ARG B 332 -2.10 -6.06 4.90
CA ARG B 332 -2.78 -7.33 4.74
C ARG B 332 -1.84 -8.41 4.21
N VAL B 333 -1.91 -9.60 4.80
CA VAL B 333 -1.08 -10.73 4.37
C VAL B 333 -1.72 -11.37 3.14
N SER B 334 -1.10 -11.16 1.98
CA SER B 334 -1.68 -11.66 0.71
C SER B 334 -1.27 -13.11 0.48
N CYS B 335 0.02 -13.40 0.59
CA CYS B 335 0.50 -14.77 0.28
C CYS B 335 1.10 -15.44 1.51
N LEU B 336 1.31 -16.75 1.43
CA LEU B 336 1.83 -17.52 2.54
C LEU B 336 2.18 -18.91 2.04
N GLY B 337 3.31 -19.43 2.51
CA GLY B 337 3.75 -20.76 2.11
C GLY B 337 4.70 -21.36 3.12
N VAL B 338 4.74 -22.69 3.14
CA VAL B 338 5.58 -23.45 4.05
C VAL B 338 6.54 -24.31 3.22
N THR B 339 7.82 -24.27 3.59
CA THR B 339 8.87 -25.03 2.88
C THR B 339 8.47 -26.50 2.78
N ASP B 340 9.05 -27.25 1.85
CA ASP B 340 8.77 -28.67 1.68
C ASP B 340 9.33 -29.51 2.81
N ASP B 341 10.47 -29.09 3.37
CA ASP B 341 11.02 -29.79 4.53
C ASP B 341 10.38 -29.34 5.83
N GLY B 342 9.47 -28.37 5.78
CA GLY B 342 8.77 -27.93 6.96
C GLY B 342 9.57 -27.05 7.89
N MET B 343 10.73 -26.55 7.45
CA MET B 343 11.56 -25.77 8.34
C MET B 343 10.92 -24.43 8.69
N ALA B 344 10.43 -23.70 7.69
CA ALA B 344 10.02 -22.32 7.90
C ALA B 344 8.78 -22.00 7.08
N VAL B 345 8.05 -20.96 7.52
CA VAL B 345 6.84 -20.44 6.80
C VAL B 345 7.16 -18.99 6.43
N ALA B 346 6.99 -18.58 5.18
CA ALA B 346 7.23 -17.23 4.69
C ALA B 346 5.90 -16.59 4.30
N THR B 347 5.66 -15.39 4.78
CA THR B 347 4.41 -14.68 4.53
C THR B 347 4.72 -13.34 3.87
N GLY B 348 4.32 -13.18 2.62
CA GLY B 348 4.36 -11.90 1.96
C GLY B 348 3.10 -11.12 2.28
N SER B 349 3.21 -9.80 2.20
CA SER B 349 2.11 -8.91 2.63
C SER B 349 2.08 -7.67 1.75
N TRP B 350 1.02 -6.89 1.82
CA TRP B 350 0.83 -5.70 0.99
C TRP B 350 1.78 -4.56 1.35
N ASP B 351 2.52 -4.68 2.45
CA ASP B 351 3.49 -3.66 2.80
C ASP B 351 4.86 -3.91 2.18
N SER B 352 4.93 -4.79 1.18
CA SER B 352 6.11 -5.00 0.35
C SER B 352 7.26 -5.66 1.10
N PHE B 353 6.95 -6.53 2.06
CA PHE B 353 7.99 -7.24 2.82
C PHE B 353 7.63 -8.72 2.90
N LEU B 354 8.57 -9.59 2.52
CA LEU B 354 8.44 -11.04 2.76
C LEU B 354 9.00 -11.21 4.18
N LYS B 355 8.54 -12.18 4.95
CA LYS B 355 9.01 -12.49 6.30
C LYS B 355 9.05 -14.00 6.47
N ILE B 356 10.23 -14.54 6.71
CA ILE B 356 10.39 -15.96 7.05
C ILE B 356 10.39 -16.09 8.56
N TRP B 357 9.56 -17.00 9.08
CA TRP B 357 9.25 -17.04 10.50
C TRP B 357 9.93 -18.18 11.25
N ASN B 358 9.91 -19.42 10.74
CA ASN B 358 10.64 -20.56 11.40
C ASN B 358 10.12 -20.93 12.80
N SER C 8 -31.22 -22.73 -22.87
CA SER C 8 -30.23 -23.29 -21.96
C SER C 8 -30.71 -24.62 -21.38
N ILE C 9 -30.92 -25.60 -22.26
CA ILE C 9 -31.36 -26.93 -21.85
C ILE C 9 -30.17 -27.87 -21.84
N ALA C 10 -29.24 -27.69 -22.78
CA ALA C 10 -28.07 -28.55 -22.84
C ALA C 10 -27.23 -28.43 -21.58
N GLN C 11 -27.09 -27.20 -21.06
CA GLN C 11 -26.37 -27.02 -19.81
C GLN C 11 -27.07 -27.74 -18.65
N ALA C 12 -28.40 -27.81 -18.69
CA ALA C 12 -29.12 -28.55 -17.66
C ALA C 12 -28.81 -30.04 -17.73
N ARG C 13 -28.75 -30.60 -18.95
CA ARG C 13 -28.37 -32.01 -19.09
C ARG C 13 -26.95 -32.25 -18.60
N LYS C 14 -26.03 -31.34 -18.94
CA LYS C 14 -24.65 -31.49 -18.48
C LYS C 14 -24.58 -31.42 -16.95
N LEU C 15 -25.33 -30.49 -16.35
CA LEU C 15 -25.30 -30.35 -14.90
C LEU C 15 -25.89 -31.58 -14.20
N VAL C 16 -27.01 -32.10 -14.72
CA VAL C 16 -27.61 -33.26 -14.07
C VAL C 16 -26.71 -34.49 -14.24
N GLU C 17 -26.04 -34.62 -15.39
CA GLU C 17 -25.09 -35.70 -15.56
C GLU C 17 -23.93 -35.56 -14.58
N GLN C 18 -23.44 -34.34 -14.39
CA GLN C 18 -22.36 -34.12 -13.42
C GLN C 18 -22.80 -34.47 -12.01
N LEU C 19 -24.02 -34.07 -11.64
CA LEU C 19 -24.52 -34.38 -10.31
C LEU C 19 -24.69 -35.88 -10.09
N LYS C 20 -25.21 -36.60 -11.09
CA LYS C 20 -25.36 -38.04 -10.93
C LYS C 20 -24.00 -38.72 -10.84
N MET C 21 -23.02 -38.24 -11.62
CA MET C 21 -21.68 -38.83 -11.55
C MET C 21 -21.04 -38.56 -10.20
N GLU C 22 -21.27 -37.36 -9.63
CA GLU C 22 -20.77 -37.07 -8.30
C GLU C 22 -21.44 -37.94 -7.26
N ALA C 23 -22.74 -38.18 -7.41
CA ALA C 23 -23.47 -39.01 -6.44
C ALA C 23 -23.14 -40.48 -6.56
N ASN C 24 -22.59 -40.93 -7.69
CA ASN C 24 -22.30 -42.33 -7.90
C ASN C 24 -20.96 -42.77 -7.32
N ILE C 25 -20.20 -41.86 -6.72
CA ILE C 25 -18.89 -42.21 -6.18
C ILE C 25 -19.06 -42.91 -4.84
N ASP C 26 -18.01 -43.63 -4.43
CA ASP C 26 -18.02 -44.33 -3.16
C ASP C 26 -17.56 -43.41 -2.03
N ARG C 27 -18.22 -43.52 -0.87
CA ARG C 27 -17.90 -42.68 0.31
C ARG C 27 -17.60 -43.58 1.51
N ILE C 28 -16.75 -43.13 2.43
CA ILE C 28 -16.38 -43.83 3.65
C ILE C 28 -16.88 -43.03 4.85
N LYS C 29 -16.94 -43.70 5.99
CA LYS C 29 -17.40 -43.03 7.21
C LYS C 29 -16.45 -41.91 7.60
N VAL C 30 -17.00 -40.85 8.17
CA VAL C 30 -16.19 -39.70 8.56
C VAL C 30 -15.24 -40.07 9.70
N SER C 31 -15.64 -41.02 10.55
CA SER C 31 -14.78 -41.42 11.65
C SER C 31 -13.50 -42.07 11.14
N LYS C 32 -13.61 -42.93 10.14
CA LYS C 32 -12.42 -43.56 9.57
C LYS C 32 -11.49 -42.52 8.94
N ALA C 33 -12.06 -41.56 8.21
CA ALA C 33 -11.25 -40.53 7.58
C ALA C 33 -10.56 -39.64 8.62
N ALA C 34 -11.30 -39.28 9.67
CA ALA C 34 -10.70 -38.48 10.74
C ALA C 34 -9.59 -39.25 11.45
N ALA C 35 -9.80 -40.55 11.67
CA ALA C 35 -8.77 -41.37 12.30
C ALA C 35 -7.53 -41.45 11.42
N ASP C 36 -7.72 -41.59 10.11
CA ASP C 36 -6.57 -41.61 9.20
C ASP C 36 -5.82 -40.28 9.22
N LEU C 37 -6.55 -39.16 9.25
CA LEU C 37 -5.90 -37.86 9.33
C LEU C 37 -5.12 -37.71 10.62
N MET C 38 -5.71 -38.16 11.74
CA MET C 38 -5.07 -38.07 13.09
C MET C 38 -3.86 -39.01 13.15
N ALA C 39 -3.88 -40.15 12.44
CA ALA C 39 -2.73 -41.04 12.36
C ALA C 39 -1.60 -40.42 11.53
N TYR C 40 -1.95 -39.78 10.41
CA TYR C 40 -0.93 -39.11 9.63
C TYR C 40 -0.29 -37.97 10.42
N CYS C 41 -1.09 -37.19 11.14
CA CYS C 41 -0.54 -36.09 11.92
C CYS C 41 0.41 -36.58 13.00
N GLU C 42 0.03 -37.66 13.71
CA GLU C 42 0.87 -38.15 14.79
C GLU C 42 2.09 -38.90 14.28
N ALA C 43 2.00 -39.54 13.11
CA ALA C 43 3.13 -40.30 12.59
C ALA C 43 4.25 -39.38 12.13
N HIS C 44 3.91 -38.20 11.60
CA HIS C 44 4.89 -37.25 11.10
C HIS C 44 5.13 -36.09 12.05
N ALA C 45 4.62 -36.18 13.29
CA ALA C 45 4.80 -35.08 14.23
C ALA C 45 6.25 -34.92 14.64
N LYS C 46 7.05 -35.99 14.54
CA LYS C 46 8.46 -35.89 14.88
C LYS C 46 9.23 -35.06 13.87
N GLU C 47 8.85 -35.12 12.60
CA GLU C 47 9.53 -34.40 11.53
C GLU C 47 8.84 -33.09 11.17
N ASP C 48 8.23 -32.40 12.14
CA ASP C 48 7.59 -31.13 11.87
C ASP C 48 8.32 -30.02 12.63
N PRO C 49 9.28 -29.35 12.00
CA PRO C 49 10.05 -28.32 12.72
C PRO C 49 9.22 -27.18 13.26
N LEU C 50 8.12 -26.83 12.60
CA LEU C 50 7.27 -25.77 13.12
C LEU C 50 6.53 -26.20 14.38
N LEU C 51 6.09 -27.45 14.42
CA LEU C 51 5.32 -27.95 15.56
C LEU C 51 6.20 -28.02 16.81
N THR C 52 7.37 -28.65 16.69
CA THR C 52 8.34 -28.72 17.77
C THR C 52 9.54 -27.84 17.41
N PRO C 53 9.80 -26.76 18.14
CA PRO C 53 10.95 -25.91 17.80
C PRO C 53 12.26 -26.71 17.77
N VAL C 54 13.00 -26.54 16.69
CA VAL C 54 14.21 -27.31 16.44
C VAL C 54 15.39 -26.57 17.07
N PRO C 55 16.39 -27.26 17.61
CA PRO C 55 17.56 -26.56 18.16
C PRO C 55 18.27 -25.74 17.09
N ALA C 56 18.83 -24.60 17.51
CA ALA C 56 19.44 -23.67 16.58
C ALA C 56 20.69 -24.23 15.91
N SER C 57 21.24 -25.34 16.41
CA SER C 57 22.43 -25.93 15.80
C SER C 57 22.15 -26.38 14.37
N GLU C 58 21.00 -27.03 14.15
CA GLU C 58 20.61 -27.49 12.82
C GLU C 58 19.54 -26.62 12.18
N ASN C 59 19.15 -25.49 12.79
CA ASN C 59 18.14 -24.56 12.23
C ASN C 59 18.79 -23.63 11.22
N PRO C 60 18.51 -23.76 9.91
CA PRO C 60 19.24 -23.02 8.87
C PRO C 60 18.97 -21.53 8.85
N PHE C 61 17.85 -21.08 9.43
CA PHE C 61 17.50 -19.67 9.35
C PHE C 61 17.99 -18.85 10.54
N ARG C 62 18.60 -19.49 11.54
CA ARG C 62 19.12 -18.77 12.70
C ARG C 62 20.63 -18.89 12.83
N GLU C 63 21.17 -20.10 12.84
CA GLU C 63 22.60 -20.33 12.99
C GLU C 63 23.09 -21.20 11.85
N LYS C 64 24.17 -20.79 11.19
CA LYS C 64 24.74 -21.53 10.09
C LYS C 64 25.25 -22.90 10.55
N TYR D 165 14.70 28.14 45.82
CA TYR D 165 15.34 29.19 45.04
C TYR D 165 15.90 28.64 43.73
N GLN D 166 17.20 28.34 43.72
CA GLN D 166 17.83 27.79 42.53
C GLN D 166 17.32 26.39 42.20
N VAL D 167 16.78 25.68 43.20
CA VAL D 167 16.28 24.33 42.95
C VAL D 167 15.09 24.36 42.00
N ILE D 168 14.20 25.32 42.18
CA ILE D 168 13.00 25.39 41.35
C ILE D 168 13.35 25.68 39.90
N THR D 169 14.23 26.67 39.66
CA THR D 169 14.61 26.99 38.29
C THR D 169 15.44 25.87 37.67
N SER D 170 16.28 25.21 38.47
CA SER D 170 17.03 24.07 37.95
C SER D 170 16.10 22.94 37.54
N LEU D 171 15.08 22.66 38.35
CA LEU D 171 14.12 21.62 38.02
C LEU D 171 13.33 21.98 36.77
N LEU D 172 12.93 23.26 36.64
CA LEU D 172 12.17 23.68 35.46
C LEU D 172 13.02 23.55 34.19
N LEU D 173 14.27 24.02 34.24
CA LEU D 173 15.15 23.88 33.08
C LEU D 173 15.41 22.41 32.78
N GLY D 174 15.58 21.58 33.82
CA GLY D 174 15.81 20.17 33.60
C GLY D 174 14.63 19.48 32.94
N THR D 175 13.41 19.79 33.38
CA THR D 175 12.25 19.15 32.76
C THR D 175 12.03 19.67 31.35
N LEU D 176 12.36 20.95 31.09
CA LEU D 176 12.29 21.46 29.73
C LEU D 176 13.28 20.73 28.82
N ILE D 177 14.50 20.56 29.32
CA ILE D 177 15.60 19.86 28.60
C ILE D 177 15.12 18.44 28.33
N PHE D 178 14.55 17.74 29.32
CA PHE D 178 14.10 16.36 29.17
C PHE D 178 12.99 16.24 28.16
N CYS D 179 12.00 17.15 28.21
CA CYS D 179 10.92 17.12 27.23
C CYS D 179 11.45 17.35 25.82
N ALA D 180 12.36 18.31 25.66
CA ALA D 180 12.90 18.59 24.33
C ALA D 180 13.64 17.39 23.76
N VAL D 181 14.54 16.81 24.55
CA VAL D 181 15.33 15.67 24.05
C VAL D 181 14.42 14.47 23.81
N LEU D 182 13.43 14.25 24.68
CA LEU D 182 12.52 13.13 24.49
C LEU D 182 11.72 13.28 23.21
N GLY D 183 11.18 14.48 22.97
CA GLY D 183 10.40 14.69 21.76
C GLY D 183 11.23 14.53 20.50
N ASN D 184 12.41 15.16 20.48
CA ASN D 184 13.25 15.06 19.29
C ASN D 184 13.70 13.62 19.05
N ALA D 185 14.08 12.91 20.12
CA ALA D 185 14.50 11.52 19.96
C ALA D 185 13.35 10.65 19.47
N CYS D 186 12.14 10.88 19.98
CA CYS D 186 10.98 10.12 19.53
C CYS D 186 10.73 10.36 18.05
N VAL D 187 10.82 11.62 17.60
CA VAL D 187 10.58 11.92 16.19
C VAL D 187 11.63 11.25 15.31
N VAL D 188 12.90 11.35 15.71
CA VAL D 188 13.97 10.76 14.92
C VAL D 188 13.82 9.25 14.86
N ALA D 189 13.52 8.62 15.99
CA ALA D 189 13.35 7.17 16.02
C ALA D 189 12.17 6.74 15.15
N ALA D 190 11.04 7.46 15.24
CA ALA D 190 9.88 7.10 14.44
C ALA D 190 10.18 7.21 12.95
N ILE D 191 10.91 8.24 12.55
CA ILE D 191 11.26 8.37 11.14
C ILE D 191 12.25 7.28 10.72
N ALA D 192 13.17 6.90 11.62
CA ALA D 192 14.19 5.93 11.26
C ALA D 192 13.61 4.53 11.13
N LEU D 193 12.74 4.13 12.04
CA LEU D 193 12.26 2.75 12.08
C LEU D 193 11.02 2.51 11.21
N GLU D 194 10.43 3.55 10.65
CA GLU D 194 9.22 3.43 9.84
C GLU D 194 9.57 3.59 8.37
N ARG D 195 9.01 2.72 7.52
CA ARG D 195 9.28 2.73 6.06
C ARG D 195 8.27 3.67 5.38
N SER D 196 7.11 3.92 6.00
CA SER D 196 6.16 4.88 5.43
C SER D 196 6.67 6.31 5.57
N LEU D 197 7.50 6.57 6.58
CA LEU D 197 7.96 7.91 6.88
C LEU D 197 9.35 8.15 6.28
N GLN D 198 9.47 7.91 4.99
CA GLN D 198 10.76 7.95 4.33
C GLN D 198 10.69 8.73 3.02
N ASN D 199 10.00 9.86 3.04
CA ASN D 199 9.92 10.75 1.90
C ASN D 199 10.62 12.07 2.22
N VAL D 200 10.81 12.89 1.16
CA VAL D 200 11.59 14.17 1.21
C VAL D 200 11.13 15.08 2.34
N ALA D 201 9.82 15.30 2.51
CA ALA D 201 9.32 16.18 3.56
C ALA D 201 9.61 15.61 4.94
N ASN D 202 9.42 14.30 5.11
CA ASN D 202 9.69 13.70 6.39
C ASN D 202 11.19 13.66 6.67
N TYR D 203 12.01 13.58 5.63
CA TYR D 203 13.46 13.70 5.82
C TYR D 203 13.83 15.08 6.35
N LEU D 204 13.23 16.13 5.79
CA LEU D 204 13.50 17.47 6.28
C LEU D 204 13.02 17.65 7.72
N ILE D 205 11.84 17.12 8.04
CA ILE D 205 11.35 17.21 9.41
C ILE D 205 12.25 16.44 10.37
N GLY D 206 12.74 15.27 9.94
CA GLY D 206 13.64 14.50 10.76
C GLY D 206 14.98 15.17 10.97
N SER D 207 15.50 15.84 9.94
CA SER D 207 16.73 16.59 10.11
C SER D 207 16.53 17.76 11.06
N LEU D 208 15.37 18.42 11.00
CA LEU D 208 15.06 19.44 11.98
C LEU D 208 15.01 18.86 13.38
N ALA D 209 14.43 17.68 13.54
CA ALA D 209 14.39 17.02 14.84
C ALA D 209 15.80 16.65 15.32
N VAL D 210 16.66 16.21 14.41
CA VAL D 210 18.05 15.92 14.77
C VAL D 210 18.77 17.17 15.23
N THR D 211 18.58 18.28 14.51
CA THR D 211 19.20 19.53 14.89
C THR D 211 18.71 19.99 16.27
N ASP D 212 17.40 19.89 16.51
CA ASP D 212 16.87 20.25 17.81
C ASP D 212 17.37 19.31 18.91
N LEU D 213 17.59 18.05 18.57
CA LEU D 213 18.18 17.10 19.52
C LEU D 213 19.60 17.52 19.87
N MET D 214 20.38 17.93 18.88
CA MET D 214 21.71 18.45 19.15
C MET D 214 21.65 19.70 20.00
N VAL D 215 20.64 20.54 19.77
CA VAL D 215 20.41 21.78 20.57
C VAL D 215 20.11 21.34 22.00
N SER D 216 19.35 20.26 22.24
CA SER D 216 18.90 19.88 23.57
C SER D 216 19.97 19.11 24.35
N VAL D 217 20.87 18.41 23.65
CA VAL D 217 21.89 17.63 24.35
C VAL D 217 23.28 18.25 24.26
N LEU D 218 23.49 19.33 23.50
CA LEU D 218 24.81 20.01 23.36
C LEU D 218 24.77 21.49 23.78
N VAL D 219 23.57 22.08 23.89
CA VAL D 219 23.48 23.54 24.20
C VAL D 219 22.62 23.70 25.44
N LEU D 220 21.38 23.20 25.40
CA LEU D 220 20.44 23.31 26.56
C LEU D 220 21.12 22.96 27.88
N PRO D 221 21.80 21.80 28.07
CA PRO D 221 22.35 21.45 29.39
C PRO D 221 23.31 22.52 29.91
N MET D 222 24.29 22.93 29.10
CA MET D 222 25.30 23.93 29.53
C MET D 222 24.65 25.31 29.74
N ALA D 223 23.60 25.63 28.97
CA ALA D 223 22.89 26.92 29.14
C ALA D 223 22.13 26.92 30.47
N ALA D 224 21.58 25.76 30.84
CA ALA D 224 20.83 25.62 32.11
C ALA D 224 21.81 25.74 33.27
N LEU D 225 22.97 25.11 33.15
CA LEU D 225 23.96 25.21 34.22
C LEU D 225 24.43 26.65 34.38
N TYR D 226 24.61 27.37 33.27
CA TYR D 226 24.94 28.78 33.32
C TYR D 226 23.83 29.60 33.98
N GLN D 227 22.57 29.27 33.68
CA GLN D 227 21.45 30.04 34.23
C GLN D 227 21.26 29.85 35.71
N VAL D 228 21.40 28.62 36.23
CA VAL D 228 21.13 28.39 37.65
C VAL D 228 22.29 28.89 38.51
N LEU D 229 23.53 28.69 38.05
CA LEU D 229 24.68 29.18 38.81
C LEU D 229 24.85 30.69 38.70
N ASN D 230 24.24 31.30 37.69
CA ASN D 230 24.34 32.74 37.43
C ASN D 230 25.81 33.14 37.30
N LYS D 231 26.61 32.23 36.75
CA LYS D 231 28.03 32.45 36.50
C LYS D 231 28.56 31.26 35.72
N TRP D 232 29.56 31.52 34.89
CA TRP D 232 30.17 30.48 34.09
C TRP D 232 31.31 29.82 34.88
N THR D 233 31.21 28.51 35.07
CA THR D 233 32.17 27.76 35.87
C THR D 233 32.78 26.63 35.07
N LEU D 234 32.95 26.82 33.76
CA LEU D 234 33.49 25.73 32.88
C LEU D 234 34.82 26.18 32.21
N GLY D 235 35.19 27.47 32.21
CA GLY D 235 36.42 27.88 31.56
C GLY D 235 36.16 28.67 30.29
N GLN D 236 37.17 29.43 29.88
CA GLN D 236 37.05 30.27 28.68
C GLN D 236 36.89 29.41 27.43
N VAL D 237 37.65 28.32 27.33
CA VAL D 237 37.56 27.46 26.15
C VAL D 237 36.18 26.83 26.05
N THR D 238 35.65 26.35 27.19
CA THR D 238 34.32 25.68 27.25
C THR D 238 33.22 26.73 27.02
N CYS D 239 33.41 27.99 27.42
CA CYS D 239 32.46 29.05 27.08
C CYS D 239 32.48 29.34 25.59
N ASP D 240 33.67 29.39 25.00
CA ASP D 240 33.76 29.68 23.57
C ASP D 240 33.10 28.58 22.75
N LEU D 241 33.36 27.32 23.12
CA LEU D 241 32.72 26.21 22.41
C LEU D 241 31.21 26.20 22.62
N PHE D 242 30.74 26.57 23.82
CA PHE D 242 29.31 26.63 24.07
C PHE D 242 28.65 27.69 23.21
N ILE D 243 29.28 28.87 23.09
CA ILE D 243 28.73 29.91 22.23
C ILE D 243 28.70 29.44 20.79
N ALA D 244 29.78 28.81 20.34
CA ALA D 244 29.85 28.33 18.95
C ALA D 244 28.75 27.32 18.67
N LEU D 245 28.52 26.38 19.59
CA LEU D 245 27.45 25.33 19.45
C LEU D 245 26.07 25.96 19.68
N ASP D 246 25.99 27.06 20.44
CA ASP D 246 24.71 27.77 20.71
C ASP D 246 24.25 28.46 19.42
N VAL D 247 25.18 29.08 18.68
CA VAL D 247 24.85 29.82 17.42
C VAL D 247 24.69 28.81 16.27
N LEU D 248 25.52 27.81 16.15
CA LEU D 248 25.50 26.83 15.03
C LEU D 248 24.19 26.04 15.03
N CYS D 249 23.88 25.36 16.14
CA CYS D 249 22.69 24.48 16.19
C CYS D 249 21.39 25.29 16.09
N CYS D 250 21.29 26.42 16.80
CA CYS D 250 20.04 27.22 16.81
C CYS D 250 19.83 27.90 15.44
N THR D 251 20.89 28.42 14.81
CA THR D 251 20.76 29.00 13.45
C THR D 251 20.38 27.90 12.47
N SER D 252 20.96 26.71 12.61
CA SER D 252 20.59 25.57 11.73
C SER D 252 19.11 25.23 11.92
N SER D 253 18.61 25.21 13.16
CA SER D 253 17.19 24.95 13.39
C SER D 253 16.32 25.97 12.66
N ILE D 254 16.67 27.24 12.74
CA ILE D 254 15.87 28.27 12.08
C ILE D 254 15.88 28.05 10.57
N TRP D 255 17.05 27.78 9.99
CA TRP D 255 17.10 27.55 8.56
C TRP D 255 16.47 26.21 8.17
N HIS D 256 16.36 25.26 9.10
CA HIS D 256 15.57 24.06 8.83
C HIS D 256 14.10 24.40 8.72
N LEU D 257 13.60 25.28 9.59
CA LEU D 257 12.22 25.75 9.43
C LEU D 257 12.03 26.41 8.07
N CYS D 258 12.99 27.24 7.68
CA CYS D 258 12.91 27.91 6.38
C CYS D 258 12.96 26.90 5.22
N ALA D 259 13.78 25.86 5.36
CA ALA D 259 13.89 24.84 4.31
C ALA D 259 12.62 24.01 4.20
N ILE D 260 11.99 23.69 5.33
CA ILE D 260 10.70 23.01 5.29
C ILE D 260 9.67 23.88 4.60
N ALA D 261 9.67 25.19 4.90
CA ALA D 261 8.76 26.10 4.22
C ALA D 261 9.01 26.11 2.71
N LEU D 262 10.28 26.14 2.31
CA LEU D 262 10.62 26.14 0.88
C LEU D 262 10.16 24.86 0.20
N ASP D 263 10.35 23.72 0.86
CA ASP D 263 9.90 22.45 0.30
C ASP D 263 8.39 22.41 0.16
N ARG D 264 7.66 22.92 1.17
CA ARG D 264 6.20 22.96 1.08
C ARG D 264 5.76 23.87 -0.05
N TYR D 265 6.41 25.03 -0.20
CA TYR D 265 6.07 25.95 -1.27
C TYR D 265 6.30 25.32 -2.64
N TRP D 266 7.41 24.60 -2.80
CA TRP D 266 7.67 23.94 -4.07
C TRP D 266 6.65 22.84 -4.33
N ALA D 267 6.27 22.09 -3.30
CA ALA D 267 5.31 20.98 -3.45
C ALA D 267 3.94 21.55 -3.83
N ILE D 268 3.54 22.69 -3.27
CA ILE D 268 2.18 23.17 -3.44
C ILE D 268 2.02 23.91 -4.76
N THR D 269 2.96 24.78 -5.10
CA THR D 269 2.81 25.62 -6.28
C THR D 269 3.41 25.01 -7.55
N ASP D 270 4.16 23.93 -7.44
CA ASP D 270 4.81 23.31 -8.60
C ASP D 270 4.60 21.80 -8.55
N PRO D 271 3.40 21.32 -8.91
CA PRO D 271 3.15 19.87 -8.87
C PRO D 271 4.02 19.08 -9.84
N ILE D 272 4.39 19.66 -10.98
CA ILE D 272 5.25 18.94 -11.91
C ILE D 272 6.62 18.70 -11.30
N ASP D 273 7.18 19.70 -10.62
CA ASP D 273 8.43 19.51 -9.90
C ASP D 273 8.26 18.48 -8.79
N TYR D 274 7.11 18.47 -8.13
CA TYR D 274 6.86 17.50 -7.08
C TYR D 274 6.88 16.08 -7.63
N VAL D 275 6.28 15.86 -8.80
CA VAL D 275 6.21 14.52 -9.35
C VAL D 275 7.54 14.10 -9.93
N ASN D 276 8.14 14.94 -10.79
CA ASN D 276 9.31 14.55 -11.55
C ASN D 276 10.62 14.77 -10.78
N LYS D 277 10.88 16.01 -10.36
CA LYS D 277 12.19 16.41 -9.88
C LYS D 277 12.25 16.55 -8.36
N ARG D 278 11.56 15.69 -7.62
CA ARG D 278 11.62 15.71 -6.16
C ARG D 278 12.24 14.40 -5.70
N THR D 279 13.47 14.48 -5.20
CA THR D 279 14.25 13.34 -4.76
C THR D 279 14.85 13.65 -3.40
N PRO D 280 15.17 12.61 -2.61
CA PRO D 280 15.81 12.86 -1.30
C PRO D 280 17.14 13.58 -1.41
N ARG D 281 17.79 13.57 -2.57
CA ARG D 281 18.99 14.38 -2.74
C ARG D 281 18.69 15.86 -2.54
N ARG D 282 17.49 16.31 -2.93
CA ARG D 282 17.10 17.69 -2.65
C ARG D 282 17.02 17.95 -1.15
N ALA D 283 16.43 17.00 -0.42
CA ALA D 283 16.32 17.08 1.06
C ALA D 283 17.72 17.16 1.65
N ALA D 284 18.68 16.34 1.18
CA ALA D 284 20.06 16.34 1.69
C ALA D 284 20.75 17.66 1.36
N ALA D 285 20.54 18.19 0.16
CA ALA D 285 21.14 19.46 -0.21
C ALA D 285 20.61 20.59 0.67
N LEU D 286 19.31 20.60 0.94
CA LEU D 286 18.74 21.64 1.80
C LEU D 286 19.29 21.56 3.22
N ILE D 287 19.39 20.34 3.76
CA ILE D 287 19.93 20.17 5.11
C ILE D 287 21.38 20.63 5.18
N SER D 288 22.18 20.24 4.18
CA SER D 288 23.57 20.66 4.14
C SER D 288 23.66 22.18 4.03
N LEU D 289 22.73 22.81 3.30
CA LEU D 289 22.73 24.28 3.10
C LEU D 289 22.37 24.95 4.43
N THR D 290 21.45 24.39 5.23
CA THR D 290 21.02 24.97 6.55
C THR D 290 22.18 24.81 7.55
N TRP D 291 22.94 23.71 7.51
CA TRP D 291 24.12 23.59 8.36
C TRP D 291 25.26 24.47 7.86
N LEU D 292 25.31 24.78 6.57
CA LEU D 292 26.34 25.65 6.05
C LEU D 292 26.14 27.08 6.53
N ILE D 293 24.92 27.59 6.48
CA ILE D 293 24.63 28.96 7.00
C ILE D 293 24.92 28.89 8.51
N GLY D 294 24.58 27.80 9.21
CA GLY D 294 24.91 27.70 10.62
C GLY D 294 26.39 27.86 10.90
N PHE D 295 27.22 27.17 10.11
CA PHE D 295 28.67 27.28 10.27
C PHE D 295 29.17 28.68 9.94
N LEU D 296 28.70 29.26 8.84
CA LEU D 296 29.16 30.61 8.49
C LEU D 296 28.64 31.69 9.43
N ILE D 297 27.72 31.35 10.34
CA ILE D 297 27.28 32.37 11.35
C ILE D 297 28.01 32.08 12.66
N SER D 298 28.37 30.82 12.90
CA SER D 298 28.98 30.47 14.19
C SER D 298 30.51 30.55 14.19
N ILE D 299 31.15 30.41 13.03
CA ILE D 299 32.61 30.38 12.93
C ILE D 299 33.26 31.76 12.96
N PRO D 300 32.73 32.78 12.28
CA PRO D 300 33.42 34.09 12.24
C PRO D 300 33.81 34.62 13.61
N PRO D 301 33.02 34.46 14.71
CA PRO D 301 33.49 34.90 16.03
C PRO D 301 34.67 34.05 16.52
N MET D 302 34.97 32.88 15.91
CA MET D 302 36.15 32.14 16.34
C MET D 302 37.43 32.89 15.97
N LEU D 303 37.59 33.14 14.67
CA LEU D 303 38.78 33.85 14.15
C LEU D 303 38.39 35.29 13.80
N GLY D 304 38.90 36.28 14.55
CA GLY D 304 38.53 37.66 14.33
C GLY D 304 37.14 37.97 14.87
N TRP D 305 36.78 39.25 14.75
CA TRP D 305 35.48 39.75 15.21
C TRP D 305 35.20 39.36 16.66
N ARG D 306 36.23 39.46 17.50
CA ARG D 306 36.12 39.13 18.91
C ARG D 306 36.83 40.21 19.72
N THR D 307 36.07 41.14 20.27
CA THR D 307 36.64 42.20 21.09
C THR D 307 37.20 41.63 22.39
N PRO D 308 38.27 42.23 22.92
CA PRO D 308 38.81 41.74 24.20
C PRO D 308 37.86 41.89 25.37
N GLU D 309 36.82 42.70 25.24
CA GLU D 309 35.86 42.88 26.33
C GLU D 309 35.18 41.57 26.70
N ASP D 310 35.00 40.67 25.73
CA ASP D 310 34.34 39.35 25.97
C ASP D 310 35.21 38.57 26.96
N ARG D 311 36.53 38.53 26.76
CA ARG D 311 37.44 37.82 27.64
C ARG D 311 37.83 38.64 28.87
N SER D 312 37.44 39.92 28.93
CA SER D 312 37.77 40.74 30.08
C SER D 312 37.13 40.21 31.36
N ASP D 313 35.98 39.54 31.24
CA ASP D 313 35.29 38.99 32.40
C ASP D 313 35.31 37.47 32.34
N PRO D 314 36.21 36.81 33.07
CA PRO D 314 36.23 35.33 33.05
C PRO D 314 34.95 34.70 33.59
N ASP D 315 34.25 35.37 34.50
CA ASP D 315 33.05 34.81 35.10
C ASP D 315 31.78 35.23 34.35
N ALA D 316 31.78 35.00 33.04
CA ALA D 316 30.65 35.35 32.19
C ALA D 316 30.86 34.69 30.83
N CYS D 317 29.75 34.49 30.12
CA CYS D 317 29.77 33.87 28.81
C CYS D 317 28.73 34.56 27.95
N THR D 318 29.18 35.44 27.05
CA THR D 318 28.29 36.24 26.22
C THR D 318 28.74 36.19 24.77
N ILE D 319 27.79 36.31 23.85
CA ILE D 319 28.08 36.25 22.39
C ILE D 319 28.77 37.55 21.99
N SER D 320 29.77 37.49 21.12
CA SER D 320 30.55 38.64 20.68
C SER D 320 29.62 39.76 20.25
N LYS D 321 29.82 40.95 20.84
CA LYS D 321 28.92 42.07 20.66
C LYS D 321 29.47 43.13 19.72
N ASP D 322 30.38 42.76 18.81
CA ASP D 322 30.83 43.68 17.78
C ASP D 322 29.66 44.07 16.89
N HIS D 323 29.59 45.36 16.54
CA HIS D 323 28.45 45.86 15.78
C HIS D 323 28.35 45.18 14.42
N GLY D 324 29.48 45.03 13.73
CA GLY D 324 29.46 44.35 12.45
C GLY D 324 29.04 42.90 12.58
N TYR D 325 29.62 42.19 13.55
CA TYR D 325 29.20 40.78 13.76
C TYR D 325 27.74 40.74 14.22
N THR D 326 27.33 41.69 15.07
CA THR D 326 25.93 41.70 15.48
C THR D 326 25.00 41.77 14.28
N ILE D 327 25.24 42.73 13.38
CA ILE D 327 24.42 42.85 12.19
C ILE D 327 24.46 41.58 11.36
N TYR D 328 25.66 41.08 11.09
CA TYR D 328 25.84 39.90 10.23
C TYR D 328 25.11 38.70 10.80
N SER D 329 25.37 38.37 12.07
CA SER D 329 24.73 37.20 12.70
C SER D 329 23.22 37.40 12.78
N THR D 330 22.75 38.47 13.43
CA THR D 330 21.30 38.68 13.63
C THR D 330 20.53 38.62 12.29
N PHE D 331 21.02 39.29 11.23
CA PHE D 331 20.35 39.17 9.95
C PHE D 331 20.42 37.74 9.43
N GLY D 332 21.62 37.23 9.15
CA GLY D 332 21.74 35.94 8.50
C GLY D 332 21.21 34.76 9.29
N ALA D 333 20.88 34.98 10.56
CA ALA D 333 20.38 33.88 11.41
C ALA D 333 18.87 34.00 11.61
N PHE D 334 18.32 35.21 11.68
CA PHE D 334 16.88 35.27 11.92
C PHE D 334 16.12 36.11 10.92
N TYR D 335 16.68 37.24 10.48
CA TYR D 335 15.87 38.18 9.73
C TYR D 335 15.76 37.83 8.26
N ILE D 336 16.84 37.36 7.65
CA ILE D 336 16.73 36.75 6.33
C ILE D 336 15.84 35.52 6.36
N PRO D 337 16.00 34.58 7.30
CA PRO D 337 15.00 33.51 7.41
C PRO D 337 13.61 34.00 7.70
N LEU D 338 13.43 35.08 8.48
CA LEU D 338 12.06 35.56 8.86
C LEU D 338 11.38 36.18 7.64
N LEU D 339 12.08 36.95 6.80
CA LEU D 339 11.49 37.48 5.58
C LEU D 339 11.27 36.38 4.56
N LEU D 340 12.24 35.47 4.42
CA LEU D 340 12.10 34.39 3.45
C LEU D 340 10.91 33.50 3.79
N MET D 341 10.76 33.15 5.06
CA MET D 341 9.68 32.25 5.48
C MET D 341 8.33 32.97 5.41
N LEU D 342 8.29 34.26 5.74
CA LEU D 342 7.07 35.03 5.59
C LEU D 342 6.63 35.09 4.13
N VAL D 343 7.57 35.33 3.21
CA VAL D 343 7.22 35.39 1.80
C VAL D 343 6.74 34.03 1.31
N LEU D 344 7.45 32.97 1.67
CA LEU D 344 7.08 31.64 1.22
C LEU D 344 5.71 31.24 1.75
N TYR D 345 5.44 31.51 3.03
CA TYR D 345 4.15 31.11 3.57
C TYR D 345 3.03 32.03 3.12
N GLY D 346 3.33 33.29 2.76
CA GLY D 346 2.32 34.12 2.13
C GLY D 346 1.95 33.60 0.75
N ARG D 347 2.94 33.18 -0.04
CA ARG D 347 2.64 32.58 -1.33
C ARG D 347 1.88 31.27 -1.17
N ILE D 348 2.23 30.47 -0.17
CA ILE D 348 1.50 29.23 0.10
C ILE D 348 0.07 29.54 0.51
N PHE D 349 -0.13 30.58 1.31
CA PHE D 349 -1.47 31.01 1.70
C PHE D 349 -2.28 31.41 0.47
N ARG D 350 -1.67 32.18 -0.43
CA ARG D 350 -2.36 32.57 -1.65
C ARG D 350 -2.74 31.35 -2.48
N ALA D 351 -1.83 30.39 -2.62
CA ALA D 351 -2.14 29.19 -3.40
C ALA D 351 -3.26 28.38 -2.76
N ALA D 352 -3.21 28.23 -1.43
CA ALA D 352 -4.24 27.46 -0.74
C ALA D 352 -5.60 28.13 -0.85
N ARG D 353 -5.64 29.46 -0.70
CA ARG D 353 -6.90 30.19 -0.83
C ARG D 353 -7.44 30.08 -2.24
N PHE D 354 -6.56 30.15 -3.25
CA PHE D 354 -7.00 30.01 -4.63
C PHE D 354 -7.58 28.62 -4.88
N ARG D 355 -6.95 27.58 -4.33
CA ARG D 355 -7.47 26.23 -4.51
C ARG D 355 -8.80 26.06 -3.78
N ILE D 356 -8.94 26.65 -2.59
CA ILE D 356 -10.17 26.49 -1.82
C ILE D 356 -11.33 27.23 -2.49
N ARG D 357 -11.07 28.43 -3.01
CA ARG D 357 -12.15 29.24 -3.58
C ARG D 357 -12.79 28.56 -4.79
N LYS D 358 -11.97 27.98 -5.66
CA LYS D 358 -12.50 27.30 -6.84
C LYS D 358 -12.81 25.84 -6.54
N LYS D 454 -31.03 18.65 -3.40
CA LYS D 454 -31.33 19.88 -4.11
C LYS D 454 -30.05 20.67 -4.34
N ASN D 455 -30.06 21.51 -5.38
CA ASN D 455 -28.87 22.29 -5.72
C ASN D 455 -28.50 23.27 -4.60
N GLU D 456 -29.51 23.86 -3.95
CA GLU D 456 -29.22 24.81 -2.88
C GLU D 456 -28.54 24.14 -1.70
N ARG D 457 -28.94 22.91 -1.36
CA ARG D 457 -28.29 22.21 -0.26
C ARG D 457 -26.83 21.90 -0.60
N ASN D 458 -26.56 21.47 -1.83
CA ASN D 458 -25.19 21.19 -2.22
C ASN D 458 -24.35 22.46 -2.24
N ALA D 459 -24.92 23.57 -2.70
CA ALA D 459 -24.20 24.83 -2.68
C ALA D 459 -23.88 25.26 -1.25
N GLU D 460 -24.84 25.11 -0.34
CA GLU D 460 -24.59 25.45 1.06
C GLU D 460 -23.52 24.56 1.65
N ALA D 461 -23.54 23.27 1.34
CA ALA D 461 -22.51 22.37 1.85
C ALA D 461 -21.14 22.74 1.32
N LYS D 462 -21.05 23.08 0.03
CA LYS D 462 -19.78 23.51 -0.54
C LYS D 462 -19.29 24.79 0.13
N ARG D 463 -20.19 25.74 0.38
CA ARG D 463 -19.80 26.98 1.03
C ARG D 463 -19.28 26.71 2.45
N LYS D 464 -19.97 25.86 3.20
CA LYS D 464 -19.53 25.56 4.56
C LYS D 464 -18.17 24.85 4.54
N MET D 465 -17.98 23.92 3.61
CA MET D 465 -16.71 23.20 3.55
C MET D 465 -15.58 24.12 3.14
N ALA D 466 -15.83 25.05 2.21
CA ALA D 466 -14.81 26.01 1.83
C ALA D 466 -14.45 26.94 2.98
N LEU D 467 -15.45 27.38 3.75
CA LEU D 467 -15.16 28.19 4.92
C LEU D 467 -14.34 27.43 5.94
N ALA D 468 -14.68 26.14 6.16
CA ALA D 468 -13.92 25.33 7.09
C ALA D 468 -12.47 25.17 6.64
N ARG D 469 -12.26 24.98 5.33
CA ARG D 469 -10.90 24.85 4.81
C ARG D 469 -10.13 26.17 4.96
N GLU D 470 -10.79 27.30 4.72
CA GLU D 470 -10.12 28.59 4.91
C GLU D 470 -9.73 28.79 6.38
N ARG D 471 -10.63 28.43 7.29
CA ARG D 471 -10.31 28.52 8.71
C ARG D 471 -9.14 27.61 9.05
N LYS D 472 -9.12 26.40 8.51
CA LYS D 472 -8.04 25.46 8.78
C LYS D 472 -6.70 25.99 8.29
N THR D 473 -6.67 26.53 7.06
CA THR D 473 -5.39 27.00 6.54
C THR D 473 -4.90 28.24 7.28
N VAL D 474 -5.82 29.16 7.62
CA VAL D 474 -5.38 30.34 8.36
C VAL D 474 -4.90 29.96 9.75
N LYS D 475 -5.56 28.97 10.37
CA LYS D 475 -5.15 28.49 11.71
C LYS D 475 -3.74 27.88 11.61
N THR D 476 -3.53 26.99 10.63
CA THR D 476 -2.25 26.32 10.52
C THR D 476 -1.12 27.32 10.29
N LEU D 477 -1.32 28.26 9.37
CA LEU D 477 -0.31 29.27 9.13
C LEU D 477 -0.09 30.15 10.36
N GLY D 478 -1.18 30.46 11.07
CA GLY D 478 -1.03 31.19 12.31
C GLY D 478 -0.20 30.44 13.33
N ILE D 479 -0.46 29.14 13.49
CA ILE D 479 0.32 28.35 14.44
C ILE D 479 1.79 28.40 14.08
N ILE D 480 2.12 28.10 12.82
CA ILE D 480 3.52 28.03 12.41
C ILE D 480 4.20 29.38 12.60
N MET D 481 3.67 30.42 11.96
CA MET D 481 4.34 31.72 11.97
C MET D 481 4.34 32.33 13.36
N GLY D 482 3.25 32.13 14.11
CA GLY D 482 3.12 32.68 15.48
C GLY D 482 4.18 32.07 16.39
N THR D 483 4.28 30.74 16.46
CA THR D 483 5.29 30.04 17.32
C THR D 483 6.68 30.57 16.93
N PHE D 484 7.07 30.47 15.65
CA PHE D 484 8.41 30.93 15.21
C PHE D 484 8.65 32.37 15.66
N ILE D 485 7.68 33.27 15.45
CA ILE D 485 7.86 34.71 15.80
C ILE D 485 7.85 34.87 17.33
N LEU D 486 6.90 34.27 18.05
CA LEU D 486 6.80 34.51 19.52
C LEU D 486 8.00 33.91 20.26
N CYS D 487 8.75 33.01 19.63
CA CYS D 487 9.93 32.39 20.29
C CYS D 487 11.21 33.12 19.89
N TRP D 488 11.44 33.33 18.58
CA TRP D 488 12.75 33.91 18.15
C TRP D 488 12.73 35.44 18.05
N LEU D 489 11.62 36.06 17.61
CA LEU D 489 11.62 37.54 17.40
C LEU D 489 12.00 38.26 18.72
N PRO D 490 11.40 37.98 19.89
CA PRO D 490 11.83 38.63 21.14
C PRO D 490 13.35 38.55 21.34
N PHE D 491 13.98 37.46 20.88
CA PHE D 491 15.44 37.31 21.14
C PHE D 491 16.25 38.14 20.15
N PHE D 492 15.90 38.13 18.86
CA PHE D 492 16.76 38.81 17.86
C PHE D 492 16.47 40.32 17.80
N ILE D 493 15.39 40.80 18.42
CA ILE D 493 15.18 42.27 18.51
C ILE D 493 16.16 42.77 19.59
N VAL D 494 16.20 42.09 20.72
CA VAL D 494 17.13 42.44 21.83
C VAL D 494 18.57 42.24 21.35
N ALA D 495 18.84 41.11 20.68
CA ALA D 495 20.21 40.78 20.23
C ALA D 495 20.68 41.75 19.14
N LEU D 496 19.84 42.68 18.71
CA LEU D 496 20.27 43.72 17.72
C LEU D 496 20.31 45.08 18.40
N VAL D 497 19.33 45.40 19.25
CA VAL D 497 19.26 46.75 19.89
C VAL D 497 20.34 46.86 20.97
N LEU D 498 20.40 45.89 21.89
CA LEU D 498 21.36 45.97 23.03
C LEU D 498 22.79 46.28 22.57
N PRO D 499 23.45 45.52 21.65
CA PRO D 499 24.85 45.80 21.31
C PRO D 499 25.09 47.24 20.86
N PHE D 500 24.14 47.82 20.10
CA PHE D 500 24.31 49.20 19.57
C PHE D 500 24.06 50.23 20.68
N CYS D 501 23.24 49.89 21.67
CA CYS D 501 22.93 50.79 22.78
C CYS D 501 23.72 50.32 23.99
N GLU D 502 24.96 50.80 24.11
CA GLU D 502 25.81 50.41 25.23
C GLU D 502 25.24 50.90 26.56
N SER D 503 24.73 52.13 26.59
CA SER D 503 24.20 52.73 27.79
C SER D 503 22.75 53.14 27.59
N SER D 504 22.09 53.45 28.70
CA SER D 504 20.68 53.88 28.75
C SER D 504 19.72 52.80 28.29
N CYS D 505 20.19 51.57 28.12
CA CYS D 505 19.36 50.43 27.72
C CYS D 505 19.66 49.22 28.58
N HIS D 506 19.65 49.43 29.89
CA HIS D 506 19.89 48.34 30.83
C HIS D 506 18.89 47.22 30.63
N MET D 507 19.39 45.99 30.60
CA MET D 507 18.55 44.82 30.33
C MET D 507 18.32 44.06 31.63
N PRO D 508 17.09 43.96 32.11
CA PRO D 508 16.84 43.15 33.31
C PRO D 508 17.23 41.71 33.09
N THR D 509 17.78 41.09 34.14
CA THR D 509 18.23 39.70 34.03
C THR D 509 17.05 38.77 33.78
N LEU D 510 15.93 39.00 34.45
CA LEU D 510 14.76 38.13 34.30
C LEU D 510 14.26 38.14 32.86
N LEU D 511 14.08 39.33 32.28
CA LEU D 511 13.56 39.41 30.93
C LEU D 511 14.52 38.81 29.91
N GLY D 512 15.82 39.08 30.07
CA GLY D 512 16.79 38.51 29.15
C GLY D 512 16.85 37.00 29.22
N ALA D 513 16.79 36.44 30.44
CA ALA D 513 16.80 34.99 30.58
C ALA D 513 15.54 34.37 30.01
N ILE D 514 14.38 34.99 30.27
CA ILE D 514 13.13 34.48 29.70
C ILE D 514 13.20 34.48 28.18
N ILE D 515 13.78 35.54 27.61
CA ILE D 515 13.89 35.66 26.16
C ILE D 515 14.80 34.58 25.60
N ASN D 516 16.00 34.43 26.16
CA ASN D 516 16.91 33.35 25.71
C ASN D 516 16.20 32.01 25.77
N TRP D 517 15.53 31.72 26.89
CA TRP D 517 14.95 30.36 27.02
C TRP D 517 13.67 30.23 26.18
N LEU D 518 13.08 31.36 25.76
CA LEU D 518 11.91 31.30 24.84
C LEU D 518 12.41 30.79 23.50
N GLY D 519 13.56 31.29 23.04
CA GLY D 519 14.16 30.81 21.77
C GLY D 519 14.65 29.38 21.90
N TYR D 520 15.25 29.04 23.04
CA TYR D 520 15.67 27.64 23.29
C TYR D 520 14.44 26.74 23.23
N SER D 521 13.31 27.20 23.78
CA SER D 521 12.09 26.40 23.79
C SER D 521 11.48 26.27 22.40
N ASN D 522 11.91 27.08 21.43
CA ASN D 522 11.47 26.92 20.02
C ASN D 522 11.92 25.55 19.53
N SER D 523 13.02 25.01 20.05
CA SER D 523 13.46 23.67 19.66
C SER D 523 12.57 22.58 20.25
N LEU D 524 12.01 22.83 21.43
CA LEU D 524 11.02 21.90 21.98
C LEU D 524 9.71 21.98 21.22
N LEU D 525 9.29 23.18 20.81
CA LEU D 525 7.97 23.39 20.13
C LEU D 525 8.05 22.94 18.66
N ASN D 526 9.23 22.81 18.05
CA ASN D 526 9.29 22.39 16.65
C ASN D 526 8.74 20.98 16.41
N PRO D 527 9.12 19.94 17.17
CA PRO D 527 8.48 18.64 16.96
C PRO D 527 7.00 18.63 17.25
N VAL D 528 6.52 19.49 18.16
CA VAL D 528 5.09 19.53 18.45
C VAL D 528 4.31 19.98 17.23
N ILE D 529 4.86 20.93 16.47
CA ILE D 529 4.14 21.46 15.31
C ILE D 529 4.40 20.61 14.08
N TYR D 530 5.66 20.46 13.70
CA TYR D 530 6.00 19.80 12.44
C TYR D 530 5.94 18.29 12.51
N ALA D 531 5.87 17.71 13.70
CA ALA D 531 5.89 16.26 13.82
C ALA D 531 4.72 15.67 14.60
N TYR D 532 4.31 16.28 15.71
CA TYR D 532 3.27 15.69 16.53
C TYR D 532 1.87 16.14 16.14
N PHE D 533 1.71 16.75 14.97
CA PHE D 533 0.41 17.23 14.53
C PHE D 533 -0.11 16.53 13.28
N ASN D 534 0.77 16.10 12.38
CA ASN D 534 0.30 15.44 11.16
C ASN D 534 -0.15 14.01 11.45
N LYS D 535 -0.93 13.46 10.53
CA LYS D 535 -1.57 12.17 10.78
C LYS D 535 -0.56 11.01 10.70
N ASP D 536 0.37 11.08 9.74
CA ASP D 536 1.33 9.98 9.44
C ASP D 536 2.24 9.71 10.66
N PHE D 537 2.74 10.73 11.36
CA PHE D 537 3.51 10.53 12.59
C PHE D 537 2.64 10.03 13.72
N GLN D 538 1.41 10.53 13.85
CA GLN D 538 0.53 10.03 14.90
C GLN D 538 0.27 8.54 14.73
N ASN D 539 0.00 8.10 13.51
CA ASN D 539 -0.22 6.68 13.26
C ASN D 539 1.03 5.87 13.54
N ALA D 540 2.20 6.39 13.15
CA ALA D 540 3.45 5.66 13.40
C ALA D 540 3.72 5.53 14.89
N PHE D 541 3.48 6.60 15.65
CA PHE D 541 3.68 6.55 17.10
C PHE D 541 2.68 5.59 17.75
N LYS D 542 1.44 5.57 17.27
CA LYS D 542 0.47 4.61 17.78
C LYS D 542 0.91 3.19 17.49
N LYS D 543 1.52 2.96 16.32
CA LYS D 543 2.03 1.62 15.91
C LYS D 543 3.25 1.26 16.76
N ILE D 544 4.05 2.25 17.19
CA ILE D 544 5.23 1.99 18.02
C ILE D 544 4.81 1.70 19.46
N ILE D 545 3.82 2.44 19.95
CA ILE D 545 3.35 2.27 21.33
C ILE D 545 2.86 0.84 21.57
N YFW E . 21.86 32.29 16.66
C YFW E . 24.01 38.08 17.96
O YFW E . 23.57 37.00 18.78
C1 YFW E . 23.24 35.83 18.15
N1 YFW E . 19.99 31.17 22.03
C2 YFW E . 23.32 35.69 16.77
C3 YFW E . 22.88 34.51 16.18
C4 YFW E . 22.38 33.51 16.99
C5 YFW E . 21.48 31.66 17.81
C6 YFW E . 21.76 32.43 18.90
C7 YFW E . 21.57 32.10 20.35
C8 YFW E . 20.28 31.33 20.61
C9 YFW E . 20.69 32.17 22.83
C10 YFW E . 18.56 31.25 22.27
C11 YFW E . 22.33 33.64 18.38
C12 YFW E . 22.77 34.82 18.96
O12 J40 F . -6.19 20.20 14.54
P1 J40 F . -4.77 20.51 14.23
O13 J40 F . -3.61 19.46 14.73
O11 J40 F . -4.34 21.85 14.81
O6 J40 F . -2.94 22.93 12.67
O1 J40 F . -4.68 20.74 12.60
C1 J40 F . -3.54 20.80 11.73
C6 J40 F . -2.45 21.64 12.34
C2 J40 F . -3.03 19.40 11.40
O2 J40 F . -2.56 18.73 12.56
C3 J40 F . -1.90 19.53 10.39
O3 J40 F . -1.39 18.24 10.06
C4 J40 F . -0.77 20.40 10.92
O4 J40 F . 0.15 20.62 9.84
P4 J40 F . 1.75 20.69 10.05
O41 J40 F . 2.14 21.76 9.05
O42 J40 F . 2.43 19.39 9.82
O43 J40 F . 2.00 21.27 11.43
C5 J40 F . -1.28 21.77 11.38
O5 J40 F . -0.25 22.52 11.99
C7 J40 F . -3.82 18.53 15.81
C8 J40 F . -4.62 19.18 16.91
C9 J40 F . -4.96 18.24 18.03
O16 J40 F . -3.78 20.24 17.49
C10 J40 F . -4.37 21.39 17.84
O17 J40 F . -5.54 21.62 17.69
O18 J40 F . -3.83 17.37 18.30
C11 J40 F . -3.61 17.04 19.57
O19 J40 F . -4.31 17.42 20.49
C12 J40 F . -3.36 22.34 18.42
C13 J40 F . -3.95 23.68 18.83
C14 J40 F . -2.94 24.58 19.53
C15 J40 F . -3.50 25.94 19.83
C16 J40 F . -4.31 26.62 19.05
C17 J40 F . -4.91 27.97 19.33
C18 J40 F . -6.38 27.87 19.59
C19 J40 F . -7.32 27.62 18.70
C20 J40 F . -8.79 27.57 18.94
C21 J40 F . -9.23 28.62 19.93
C22 J40 F . -9.31 29.92 19.73
C23 J40 F . -8.99 30.68 18.48
C24 J40 F . -10.23 31.20 17.81
C31 J40 F . -2.40 16.18 19.71
C32 J40 F . -1.26 16.95 20.34
C33 J40 F . -0.01 16.12 20.59
C34 J40 F . 1.19 16.99 20.93
C35 J40 F . 2.38 16.23 21.44
C36 J40 F . 2.23 15.70 22.85
C37 J40 F . 3.51 15.81 23.65
C38 J40 F . 3.98 17.24 23.85
C39 J40 F . 5.42 17.34 24.29
C40 J40 F . 6.40 16.88 23.23
C25 J40 F . -11.00 32.20 18.18
C26 J40 F . -10.80 33.09 19.37
C41 J40 F . 7.71 16.38 23.79
C42 J40 F . 7.58 15.10 24.58
C43 J40 F . 7.07 13.93 23.74
CAA Y01 G . 6.17 30.66 22.85
CBA Y01 G . 4.92 30.41 23.73
CAB Y01 G . 5.25 30.59 25.22
CAN Y01 G . 4.29 29.03 23.43
CAJ Y01 G . 3.77 28.81 21.99
CAO Y01 G . 2.49 29.60 21.67
CBB Y01 G . 1.95 29.45 20.23
CAC Y01 G . 1.62 27.98 19.93
CBE Y01 G . 0.76 30.40 20.01
CAP Y01 G . 1.17 31.92 20.07
CAQ Y01 G . 0.20 32.69 19.14
CBG Y01 G . -0.88 31.66 18.80
CBI Y01 G . -0.09 30.33 18.69
CAE Y01 G . 0.86 30.30 17.46
CAU Y01 G . -1.13 29.21 18.61
CAS Y01 G . -2.11 29.42 17.43
CBF Y01 G . -2.85 30.77 17.50
CBD Y01 G . -1.86 31.95 17.67
CAK Y01 G . -2.64 33.25 17.94
CAI Y01 G . -3.91 33.35 17.16
CAZ Y01 G . -4.40 32.41 16.35
CAV Y01 G . -5.58 32.69 15.45
CBH Y01 G . -3.85 30.98 16.32
CAD Y01 G . -3.18 30.76 14.96
CAT Y01 G . -5.06 30.01 16.48
CAR Y01 G . -6.24 30.31 15.53
CBC Y01 G . -6.72 31.73 15.73
OAW Y01 G . -7.86 32.03 14.86
CAY Y01 G . -7.68 32.23 13.55
OAG Y01 G . -7.38 31.36 12.79
CAM Y01 G . -7.90 33.69 13.13
CAL Y01 G . -6.69 34.36 12.48
CAX Y01 G . -6.88 35.83 12.09
OAH Y01 G . -5.91 36.46 11.60
OAF Y01 G . -8.01 36.34 12.26
CAA Y01 H . 7.54 24.94 26.04
CBA Y01 H . 6.73 26.21 26.15
CAB Y01 H . 7.03 27.13 24.97
CAN Y01 H . 7.00 26.93 27.47
CAJ Y01 H . 8.40 27.44 27.66
CAO Y01 H . 8.63 28.03 29.03
CBB Y01 H . 10.03 28.60 29.25
CAC Y01 H . 10.28 29.79 28.34
CBE Y01 H . 10.24 28.94 30.74
CAP Y01 H . 9.96 27.73 31.67
CAQ Y01 H . 10.89 27.88 32.90
CBG Y01 H . 11.43 29.30 32.76
CBI Y01 H . 11.64 29.44 31.24
CAE Y01 H . 12.73 28.50 30.71
CAU Y01 H . 11.99 30.91 30.94
CAS Y01 H . 13.23 31.31 31.74
CBF Y01 H . 13.03 31.17 33.27
CBD Y01 H . 12.60 29.73 33.63
CAK Y01 H . 12.23 29.66 35.13
CAI Y01 H . 13.10 30.51 36.00
CAZ Y01 H . 14.05 31.32 35.58
CAV Y01 H . 15.02 31.99 36.55
CBH Y01 H . 14.23 31.69 34.10
CAD Y01 H . 15.57 31.08 33.61
CAT Y01 H . 14.29 33.24 34.02
CAR Y01 H . 15.30 33.88 34.98
CBC Y01 H . 14.99 33.50 36.42
OAW Y01 H . 15.97 34.04 37.38
CAY Y01 H . 16.80 35.03 37.04
OAG Y01 H . 17.93 34.85 36.68
CAM Y01 H . 16.16 36.40 37.19
CAL Y01 H . 15.72 36.74 38.63
CAX Y01 H . 16.88 36.75 39.63
OAH Y01 H . 17.82 37.54 39.42
OAF Y01 H . 16.85 35.98 40.61
#